data_8SGI
#
_entry.id   8SGI
#
_cell.length_a   1.00
_cell.length_b   1.00
_cell.length_c   1.00
_cell.angle_alpha   90.00
_cell.angle_beta   90.00
_cell.angle_gamma   90.00
#
_symmetry.space_group_name_H-M   'P 1'
#
loop_
_entity.id
_entity.type
_entity.pdbx_description
1 polymer 'Sodium/calcium exchanger 1'
2 polymer 'Fab light chain'
3 polymer 'Fab heavy chain'
4 non-polymer 2-{4-[(2,5-difluorophenyl)methoxy]phenoxy}-5-ethoxyaniline
5 non-polymer 'CALCIUM ION'
6 non-polymer 'SODIUM ION'
7 water water
#
loop_
_entity_poly.entity_id
_entity_poly.type
_entity_poly.pdbx_seq_one_letter_code
_entity_poly.pdbx_strand_id
1 'polypeptide(L)'
;MYNMRRLSLSPTFSMGFHLLVTVSLLFSHVDHVIAETEMEGEGNETGECTGSYYCKKGVILPIWEPQDPSFGDKIARATV
YFVAMVYMFLGVSIIADRFMSSIEVITSQEKEITIKKPNGETTKTTVRIWNETVSNLTLMALGSSAPEILLSVIEVCGHN
FTAGDLGPSTIVGSAAFNMFIIIALCVYVVPDGETRKIKHLRVFFVTAAWSIFAYTWLYIILSVISPGVVEVWEGLLTFF
FFPICVVFAWVADRRLLFYKYVYKRYRAGKQRGMIIEHEGDRPSSKTEIEMDGKVVNSHVENFLDGALVLEVDERDQDDE
EARREMARILKELKQKHPDKEIEQLIELANYQVLSQQQKSRAFYRIQATRLMTGATENDPVSKIFFEQGTYQCLENCGTV
ALTIIRRGGDLTNTVFVDFRTEDGTANAGSDYEFTEGTVVFKPGDTQKEIRVGIIDDDIFEEDENFLVHLSNVKVSSEAS
EDGILEANHVSTLACLGSPSTATVTIFDDDHAGIFTFEEPVTHVSESIGIMEVKVLRTSGARGNVIVPYKTIEGTARGGG
EDFEDTCGELEFQNDEIVKTISVKVIDDEEYEKNKTFFLEIGEPRLVEMSEKKALLLNELGGFTITGKYLFGQPVFRKVH
AREHPILSTVITIADEYDDKQPLTSKEEEERRIAEMGRPILGEHTKLEVIIEESYEFKSTVDKLIKKTNLALVVGTNSWR
EQFIEAITVSAGEDDDDDECGEEKLPSCFDYVMHFLTVFWKVLFAFVPPTEYWNGWACFIVSILMIGLLTAFIGDLASHF
GCTIGLKDSVTAVVFVALGTSVPDTFASKVAATQDQYADASIGNVTGSNAVNVFLGIGVAWSIAAIYHAANGEQFKVSPG
TLAFSVTLFTIFAFINVGVLLYRRRPEIGGELGGPRTAKLLTSCLFVLLWLLYIFFSSLEAYCHIKGFAAAGGSWSHPQF
EKGGGSGGGSGGSAWSHPQFEK
;
A
2 'polypeptide(L)'
;QAVVTQESALTTSPGETVTLTCRSSTGAVTTSNYANWVQEKPDHLFTGLIGGTNNRVPGVPARFSGSLIGDKAALTITGA
QTEDEAIYFCALWYSNHWVFGGGTKLTVLGQPKSSPSVTLFPPSSEELETNKATLVCTITDFYPGVVTVDWKVDGTPVTQ
GMETTQPSKQSNNKYMASSYLTLTARAWERHSSYSCQVTHEG
;
L
3 'polypeptide(L)'
;QVQLQQSGAELARPGASVKLSCKATGYSFTSYWMQWVKQRPGQGMEWIGAIYPGDVTSRYTQKFKGKATLTADKSSSTAF
MQLRSLASEDSAVYYCARWSGYYGSSSFDYWGQGTTLTVSSAKTTPPSVYPLAPGCGDTTGSSVTLGCLVKGYFPESVTV
TWNSGSLSSSVHTFPALLQSGLYTMSSSVTVPSSTWPSQTVTCSVAHPASSTTVDKKLEPSGPISTINPCPPCKECHKCP
APNLEGGPS
;
H
#
# COMPACT_ATOMS: atom_id res chain seq x y z
N SER A 52 -36.68 50.42 -10.98
CA SER A 52 -37.75 50.90 -11.86
C SER A 52 -38.99 50.02 -11.74
N TYR A 53 -40.14 50.56 -12.10
CA TYR A 53 -41.40 49.84 -12.06
C TYR A 53 -41.83 49.30 -13.41
N TYR A 54 -41.02 49.50 -14.46
CA TYR A 54 -41.36 49.06 -15.80
C TYR A 54 -40.66 47.74 -16.10
N CYS A 55 -41.41 46.80 -16.66
CA CYS A 55 -40.98 45.42 -16.83
C CYS A 55 -40.73 45.15 -18.31
N LYS A 56 -39.54 44.67 -18.64
CA LYS A 56 -39.25 44.27 -20.00
C LYS A 56 -39.86 42.90 -20.29
N LYS A 57 -40.22 42.68 -21.55
CA LYS A 57 -40.86 41.43 -21.93
C LYS A 57 -39.89 40.27 -21.83
N GLY A 58 -40.34 39.17 -21.24
CA GLY A 58 -39.49 38.03 -20.99
C GLY A 58 -39.35 37.14 -22.20
N VAL A 59 -38.64 36.03 -21.98
CA VAL A 59 -38.46 35.04 -23.04
C VAL A 59 -39.79 34.39 -23.40
N ILE A 60 -40.58 34.05 -22.39
CA ILE A 60 -41.85 33.34 -22.57
C ILE A 60 -43.04 34.16 -22.06
N LEU A 61 -42.97 34.60 -20.81
CA LEU A 61 -44.12 35.26 -20.20
C LEU A 61 -44.34 36.64 -20.79
N PRO A 62 -45.57 37.01 -21.14
CA PRO A 62 -45.85 38.37 -21.57
C PRO A 62 -45.87 39.33 -20.40
N ILE A 63 -45.79 40.62 -20.72
CA ILE A 63 -45.86 41.66 -19.71
C ILE A 63 -47.28 41.75 -19.17
N TRP A 64 -47.42 41.73 -17.86
CA TRP A 64 -48.72 41.99 -17.25
C TRP A 64 -49.06 43.47 -17.42
N GLU A 65 -50.22 43.74 -18.00
CA GLU A 65 -50.57 45.11 -18.35
C GLU A 65 -51.91 45.48 -17.73
N PRO A 66 -52.10 46.76 -17.35
CA PRO A 66 -51.19 47.89 -17.51
C PRO A 66 -50.08 47.95 -16.45
N GLN A 67 -48.99 48.64 -16.77
CA GLN A 67 -47.86 48.74 -15.87
C GLN A 67 -48.06 49.87 -14.87
N ASP A 68 -47.47 49.70 -13.68
CA ASP A 68 -47.63 50.60 -12.55
C ASP A 68 -49.10 50.92 -12.24
N PRO A 69 -49.94 49.89 -11.99
CA PRO A 69 -51.39 50.15 -11.88
C PRO A 69 -51.80 50.87 -10.61
N SER A 70 -51.38 50.35 -9.45
CA SER A 70 -51.83 50.85 -8.15
C SER A 70 -50.85 50.32 -7.10
N PHE A 71 -51.24 50.43 -5.83
CA PHE A 71 -50.49 49.79 -4.75
C PHE A 71 -51.08 48.46 -4.34
N GLY A 72 -52.41 48.33 -4.37
CA GLY A 72 -53.02 47.04 -4.11
C GLY A 72 -52.73 46.01 -5.18
N ASP A 73 -52.71 46.45 -6.45
CA ASP A 73 -52.47 45.52 -7.55
C ASP A 73 -51.03 45.01 -7.56
N LYS A 74 -50.07 45.82 -7.10
CA LYS A 74 -48.70 45.33 -6.98
C LYS A 74 -48.62 44.18 -6.00
N ILE A 75 -49.35 44.26 -4.89
CA ILE A 75 -49.39 43.15 -3.94
C ILE A 75 -50.05 41.94 -4.56
N ALA A 76 -51.11 42.16 -5.36
CA ALA A 76 -51.79 41.06 -6.02
C ALA A 76 -50.90 40.40 -7.08
N ARG A 77 -50.20 41.20 -7.88
CA ARG A 77 -49.38 40.65 -8.94
C ARG A 77 -48.13 39.96 -8.39
N ALA A 78 -47.47 40.58 -7.42
CA ALA A 78 -46.23 40.01 -6.89
C ALA A 78 -46.47 38.71 -6.14
N THR A 79 -47.64 38.56 -5.53
CA THR A 79 -47.99 37.30 -4.89
C THR A 79 -48.11 36.19 -5.92
N VAL A 80 -48.68 36.49 -7.09
CA VAL A 80 -48.77 35.51 -8.17
C VAL A 80 -47.37 35.14 -8.68
N TYR A 81 -46.52 36.14 -8.87
CA TYR A 81 -45.17 35.87 -9.37
C TYR A 81 -44.32 35.12 -8.34
N PHE A 82 -44.50 35.41 -7.05
CA PHE A 82 -43.69 34.74 -6.04
C PHE A 82 -44.12 33.28 -5.88
N VAL A 83 -45.42 33.03 -5.79
CA VAL A 83 -45.90 31.65 -5.60
C VAL A 83 -45.60 30.81 -6.84
N ALA A 84 -45.74 31.39 -8.03
CA ALA A 84 -45.39 30.65 -9.24
C ALA A 84 -43.90 30.35 -9.31
N MET A 85 -43.07 31.28 -8.83
CA MET A 85 -41.62 31.06 -8.84
C MET A 85 -41.22 30.00 -7.81
N VAL A 86 -41.86 29.99 -6.64
CA VAL A 86 -41.57 28.98 -5.63
C VAL A 86 -42.03 27.60 -6.11
N TYR A 87 -43.16 27.54 -6.82
CA TYR A 87 -43.61 26.27 -7.37
C TYR A 87 -42.66 25.76 -8.45
N MET A 88 -42.07 26.66 -9.23
CA MET A 88 -41.07 26.25 -10.21
C MET A 88 -39.81 25.75 -9.53
N PHE A 89 -39.40 26.38 -8.42
CA PHE A 89 -38.23 25.90 -7.68
C PHE A 89 -38.48 24.51 -7.12
N LEU A 90 -39.72 24.22 -6.72
CA LEU A 90 -40.09 22.88 -6.33
C LEU A 90 -39.99 21.91 -7.50
N GLY A 91 -40.38 22.36 -8.68
CA GLY A 91 -40.29 21.50 -9.86
C GLY A 91 -38.87 21.25 -10.31
N VAL A 92 -38.00 22.26 -10.22
CA VAL A 92 -36.63 22.11 -10.66
C VAL A 92 -35.86 21.13 -9.79
N SER A 93 -36.12 21.15 -8.47
CA SER A 93 -35.44 20.22 -7.58
C SER A 93 -35.82 18.79 -7.88
N ILE A 94 -37.06 18.55 -8.31
CA ILE A 94 -37.49 17.20 -8.66
C ILE A 94 -36.80 16.75 -9.95
N ILE A 95 -36.78 17.60 -10.97
CA ILE A 95 -36.20 17.21 -12.25
C ILE A 95 -34.67 17.21 -12.21
N ALA A 96 -34.07 18.07 -11.39
CA ALA A 96 -32.61 18.03 -11.29
C ALA A 96 -32.15 16.83 -10.49
N ASP A 97 -32.96 16.34 -9.56
CA ASP A 97 -32.65 15.10 -8.87
C ASP A 97 -32.64 13.93 -9.86
N ARG A 98 -33.62 13.88 -10.76
CA ARG A 98 -33.66 12.83 -11.77
C ARG A 98 -32.56 13.02 -12.81
N PHE A 99 -32.18 14.27 -13.08
CA PHE A 99 -31.08 14.54 -14.00
C PHE A 99 -29.76 14.03 -13.41
N MET A 100 -29.56 14.24 -12.11
CA MET A 100 -28.34 13.76 -11.46
C MET A 100 -28.31 12.24 -11.37
N SER A 101 -29.47 11.60 -11.17
CA SER A 101 -29.51 10.15 -11.11
C SER A 101 -29.20 9.53 -12.47
N SER A 102 -29.57 10.19 -13.56
CA SER A 102 -29.20 9.72 -14.89
C SER A 102 -27.69 9.80 -15.10
N ILE A 103 -27.06 10.88 -14.62
CA ILE A 103 -25.62 11.03 -14.70
C ILE A 103 -24.93 9.93 -13.90
N GLU A 104 -25.54 9.55 -12.77
CA GLU A 104 -25.00 8.49 -11.94
C GLU A 104 -24.95 7.16 -12.69
N VAL A 105 -25.98 6.87 -13.48
CA VAL A 105 -26.04 5.63 -14.23
C VAL A 105 -25.06 5.64 -15.41
N ILE A 106 -24.89 6.80 -16.05
CA ILE A 106 -23.94 6.90 -17.16
C ILE A 106 -22.53 6.60 -16.69
N THR A 107 -22.15 7.12 -15.53
CA THR A 107 -20.78 7.00 -15.04
C THR A 107 -20.59 5.80 -14.11
N SER A 108 -21.49 4.82 -14.14
CA SER A 108 -21.41 3.64 -13.30
C SER A 108 -21.30 2.39 -14.17
N GLN A 109 -20.42 1.47 -13.75
CA GLN A 109 -20.27 0.19 -14.42
C GLN A 109 -21.36 -0.76 -13.96
N GLU A 110 -21.87 -1.56 -14.89
CA GLU A 110 -22.96 -2.49 -14.62
C GLU A 110 -22.38 -3.88 -14.42
N LYS A 111 -22.69 -4.49 -13.28
CA LYS A 111 -22.18 -5.80 -12.91
C LYS A 111 -23.34 -6.77 -12.69
N GLU A 112 -23.13 -8.02 -13.07
CA GLU A 112 -24.12 -9.07 -12.90
C GLU A 112 -23.68 -9.96 -11.73
N ILE A 113 -24.55 -10.08 -10.73
CA ILE A 113 -24.23 -10.73 -9.48
C ILE A 113 -24.89 -12.10 -9.45
N THR A 114 -24.07 -13.15 -9.44
CA THR A 114 -24.57 -14.50 -9.21
C THR A 114 -24.64 -14.77 -7.72
N ILE A 115 -25.79 -15.23 -7.25
CA ILE A 115 -26.01 -15.47 -5.82
C ILE A 115 -26.15 -16.98 -5.66
N LYS A 116 -25.07 -17.63 -5.23
CA LYS A 116 -25.07 -19.07 -5.05
C LYS A 116 -25.92 -19.46 -3.84
N LYS A 117 -26.67 -20.53 -3.98
CA LYS A 117 -27.56 -21.02 -2.94
C LYS A 117 -27.35 -22.52 -2.74
N PRO A 118 -27.62 -23.04 -1.53
CA PRO A 118 -27.48 -24.49 -1.33
C PRO A 118 -28.41 -25.32 -2.20
N ASN A 119 -29.61 -24.83 -2.48
CA ASN A 119 -30.50 -25.53 -3.41
C ASN A 119 -30.04 -25.30 -4.84
N GLY A 120 -30.67 -26.04 -5.77
CA GLY A 120 -30.26 -25.96 -7.16
C GLY A 120 -30.49 -24.59 -7.79
N GLU A 121 -31.60 -23.95 -7.44
CA GLU A 121 -31.92 -22.65 -8.00
C GLU A 121 -31.06 -21.57 -7.37
N THR A 122 -30.37 -20.81 -8.21
CA THR A 122 -29.55 -19.68 -7.79
C THR A 122 -30.04 -18.43 -8.51
N THR A 123 -30.51 -17.45 -7.74
CA THR A 123 -31.05 -16.25 -8.34
C THR A 123 -29.95 -15.40 -8.97
N LYS A 124 -30.31 -14.67 -10.01
CA LYS A 124 -29.39 -13.83 -10.75
C LYS A 124 -29.83 -12.38 -10.62
N THR A 125 -28.91 -11.51 -10.22
CA THR A 125 -29.21 -10.10 -9.97
C THR A 125 -28.18 -9.24 -10.67
N THR A 126 -28.62 -8.09 -11.18
CA THR A 126 -27.76 -7.13 -11.85
C THR A 126 -27.75 -5.83 -11.06
N VAL A 127 -26.56 -5.35 -10.70
CA VAL A 127 -26.41 -4.12 -9.95
C VAL A 127 -25.49 -3.19 -10.72
N ARG A 128 -25.37 -1.96 -10.23
CA ARG A 128 -24.51 -0.95 -10.81
C ARG A 128 -23.64 -0.35 -9.72
N ILE A 129 -22.34 -0.28 -9.96
CA ILE A 129 -21.39 0.28 -9.00
C ILE A 129 -20.95 1.64 -9.51
N TRP A 130 -21.16 2.67 -8.68
CA TRP A 130 -20.79 4.04 -9.02
C TRP A 130 -19.58 4.41 -8.18
N ASN A 131 -18.42 4.52 -8.82
CA ASN A 131 -17.19 4.87 -8.11
C ASN A 131 -17.24 6.32 -7.67
N GLU A 132 -16.92 6.56 -6.40
CA GLU A 132 -16.89 7.93 -5.88
C GLU A 132 -15.47 8.46 -6.07
N THR A 133 -15.23 9.07 -7.22
CA THR A 133 -13.97 9.71 -7.53
C THR A 133 -14.18 11.20 -7.70
N VAL A 134 -13.07 11.94 -7.78
CA VAL A 134 -13.16 13.38 -8.03
C VAL A 134 -13.71 13.63 -9.43
N SER A 135 -13.35 12.78 -10.39
CA SER A 135 -13.88 12.91 -11.74
C SER A 135 -15.37 12.57 -11.79
N ASN A 136 -15.82 11.62 -10.98
CA ASN A 136 -17.24 11.33 -10.92
C ASN A 136 -18.01 12.38 -10.13
N LEU A 137 -17.39 12.93 -9.09
CA LEU A 137 -18.05 13.95 -8.28
C LEU A 137 -18.08 15.31 -8.97
N THR A 138 -17.10 15.62 -9.81
CA THR A 138 -17.15 16.89 -10.54
C THR A 138 -18.23 16.88 -11.61
N LEU A 139 -18.63 15.70 -12.08
CA LEU A 139 -19.77 15.61 -12.99
C LEU A 139 -21.09 15.71 -12.25
N MET A 140 -21.15 15.20 -11.01
CA MET A 140 -22.36 15.35 -10.20
C MET A 140 -22.52 16.78 -9.71
N ALA A 141 -21.40 17.46 -9.42
CA ALA A 141 -21.44 18.89 -9.13
C ALA A 141 -21.81 19.69 -10.37
N LEU A 142 -21.48 19.18 -11.55
CA LEU A 142 -21.92 19.80 -12.79
C LEU A 142 -23.41 19.58 -13.02
N GLY A 143 -23.92 18.41 -12.63
CA GLY A 143 -25.33 18.10 -12.87
C GLY A 143 -26.27 18.93 -12.04
N SER A 144 -25.90 19.23 -10.80
CA SER A 144 -26.75 20.04 -9.93
C SER A 144 -26.60 21.53 -10.19
N SER A 145 -25.57 21.95 -10.92
CA SER A 145 -25.38 23.35 -11.28
C SER A 145 -26.00 23.70 -12.61
N ALA A 146 -26.75 22.78 -13.22
CA ALA A 146 -27.45 23.10 -14.46
C ALA A 146 -28.46 24.25 -14.32
N PRO A 147 -29.25 24.37 -13.24
CA PRO A 147 -30.10 25.57 -13.13
C PRO A 147 -29.33 26.89 -13.14
N GLU A 148 -28.18 26.99 -12.47
CA GLU A 148 -27.42 28.24 -12.53
C GLU A 148 -26.77 28.43 -13.89
N ILE A 149 -26.23 27.36 -14.46
CA ILE A 149 -25.53 27.46 -15.74
C ILE A 149 -26.50 27.82 -16.86
N LEU A 150 -27.67 27.16 -16.90
CA LEU A 150 -28.62 27.39 -17.97
C LEU A 150 -29.29 28.75 -17.87
N LEU A 151 -29.55 29.24 -16.65
CA LEU A 151 -30.24 30.52 -16.49
C LEU A 151 -29.40 31.67 -17.02
N SER A 152 -28.08 31.63 -16.80
CA SER A 152 -27.22 32.69 -17.30
C SER A 152 -27.13 32.65 -18.82
N VAL A 153 -27.07 31.46 -19.41
CA VAL A 153 -27.00 31.34 -20.86
C VAL A 153 -28.31 31.74 -21.51
N ILE A 154 -29.44 31.30 -20.94
CA ILE A 154 -30.75 31.63 -21.49
C ILE A 154 -31.01 33.13 -21.41
N GLU A 155 -30.64 33.75 -20.28
CA GLU A 155 -30.93 35.17 -20.09
C GLU A 155 -30.18 36.04 -21.08
N VAL A 156 -28.91 35.70 -21.36
CA VAL A 156 -28.15 36.47 -22.33
C VAL A 156 -28.71 36.26 -23.73
N CYS A 157 -28.83 35.00 -24.16
CA CYS A 157 -29.29 34.72 -25.52
C CYS A 157 -30.77 35.07 -25.71
N GLY A 158 -31.59 34.88 -24.68
CA GLY A 158 -33.01 35.18 -24.81
C GLY A 158 -33.28 36.66 -24.99
N HIS A 159 -32.48 37.51 -24.33
CA HIS A 159 -32.70 38.95 -24.33
C HIS A 159 -31.72 39.68 -25.22
N ASN A 160 -31.42 39.11 -26.38
CA ASN A 160 -30.67 39.75 -27.47
C ASN A 160 -29.25 40.09 -27.02
N PHE A 161 -28.61 39.12 -26.36
CA PHE A 161 -27.17 39.12 -26.06
C PHE A 161 -26.73 40.39 -25.33
N THR A 162 -27.54 40.80 -24.37
CA THR A 162 -27.25 41.94 -23.51
C THR A 162 -27.10 41.44 -22.09
N ALA A 163 -26.04 41.88 -21.40
CA ALA A 163 -25.79 41.46 -20.04
C ALA A 163 -26.93 41.88 -19.12
N GLY A 164 -27.53 40.91 -18.45
CA GLY A 164 -28.61 41.15 -17.51
C GLY A 164 -28.13 40.87 -16.10
N ASP A 165 -28.77 41.52 -15.13
CA ASP A 165 -28.33 41.41 -13.74
C ASP A 165 -28.69 40.07 -13.12
N LEU A 166 -29.73 39.41 -13.64
CA LEU A 166 -30.31 38.26 -12.96
C LEU A 166 -29.38 37.05 -12.99
N GLY A 167 -28.70 36.83 -14.11
CA GLY A 167 -27.88 35.66 -14.30
C GLY A 167 -26.55 35.67 -13.55
N PRO A 168 -25.74 36.70 -13.77
CA PRO A 168 -24.49 36.82 -13.00
C PRO A 168 -24.68 36.89 -11.50
N SER A 169 -25.75 37.51 -11.02
CA SER A 169 -25.94 37.66 -9.57
C SER A 169 -26.38 36.35 -8.92
N THR A 170 -27.19 35.56 -9.62
CA THR A 170 -27.58 34.27 -9.06
C THR A 170 -26.45 33.26 -9.08
N ILE A 171 -25.38 33.51 -9.83
CA ILE A 171 -24.20 32.68 -9.78
C ILE A 171 -23.27 33.11 -8.64
N VAL A 172 -23.06 34.41 -8.47
CA VAL A 172 -22.29 34.88 -7.31
C VAL A 172 -23.08 34.66 -6.03
N GLY A 173 -24.39 34.90 -6.06
CA GLY A 173 -25.21 34.66 -4.89
C GLY A 173 -25.34 33.18 -4.53
N SER A 174 -25.20 32.30 -5.53
CA SER A 174 -25.20 30.87 -5.25
C SER A 174 -23.95 30.47 -4.50
N ALA A 175 -22.83 31.11 -4.79
CA ALA A 175 -21.58 30.80 -4.13
C ALA A 175 -21.67 31.07 -2.64
N ALA A 176 -22.29 32.19 -2.25
CA ALA A 176 -22.49 32.47 -0.84
C ALA A 176 -23.39 31.43 -0.19
N PHE A 177 -24.48 31.06 -0.87
CA PHE A 177 -25.36 30.05 -0.30
C PHE A 177 -24.66 28.70 -0.22
N ASN A 178 -23.90 28.34 -1.26
CA ASN A 178 -23.19 27.07 -1.26
C ASN A 178 -22.09 27.06 -0.21
N MET A 179 -21.25 28.10 -0.20
CA MET A 179 -20.06 28.08 0.64
C MET A 179 -20.42 28.18 2.12
N PHE A 180 -21.44 28.96 2.47
CA PHE A 180 -21.79 29.17 3.87
C PHE A 180 -22.97 28.31 4.33
N ILE A 181 -24.12 28.43 3.68
CA ILE A 181 -25.32 27.76 4.18
C ILE A 181 -25.23 26.25 4.00
N ILE A 182 -24.77 25.78 2.85
CA ILE A 182 -24.71 24.34 2.63
C ILE A 182 -23.66 23.70 3.53
N ILE A 183 -22.49 24.33 3.66
CA ILE A 183 -21.43 23.80 4.52
C ILE A 183 -21.85 23.84 5.98
N ALA A 184 -22.56 24.89 6.39
CA ALA A 184 -23.07 24.95 7.77
C ALA A 184 -24.05 23.82 8.04
N LEU A 185 -24.87 23.47 7.06
CA LEU A 185 -25.82 22.38 7.27
C LEU A 185 -25.09 21.04 7.30
N CYS A 186 -24.02 20.89 6.50
CA CYS A 186 -23.26 19.65 6.49
C CYS A 186 -22.49 19.45 7.79
N VAL A 187 -22.11 20.54 8.45
CA VAL A 187 -21.47 20.44 9.76
C VAL A 187 -22.44 19.85 10.78
N TYR A 188 -23.71 20.21 10.68
CA TYR A 188 -24.68 19.88 11.71
C TYR A 188 -25.36 18.53 11.50
N VAL A 189 -25.52 18.09 10.25
CA VAL A 189 -26.23 16.82 10.00
C VAL A 189 -25.44 15.60 10.45
N VAL A 190 -24.13 15.73 10.64
CA VAL A 190 -23.34 14.59 11.10
C VAL A 190 -23.75 14.25 12.53
N PRO A 191 -24.01 12.98 12.85
CA PRO A 191 -24.53 12.65 14.18
C PRO A 191 -23.56 13.01 15.30
N ASP A 192 -24.13 13.31 16.47
CA ASP A 192 -23.34 13.76 17.59
C ASP A 192 -22.39 12.67 18.07
N GLY A 193 -21.14 13.07 18.32
CA GLY A 193 -20.09 12.13 18.64
C GLY A 193 -19.30 11.63 17.45
N GLU A 194 -19.72 11.94 16.23
CA GLU A 194 -19.05 11.52 15.01
C GLU A 194 -18.47 12.73 14.31
N THR A 195 -17.28 12.58 13.76
CA THR A 195 -16.62 13.65 13.01
C THR A 195 -16.37 13.19 11.58
N ARG A 196 -16.23 14.17 10.69
CA ARG A 196 -15.89 13.92 9.29
C ARG A 196 -14.71 14.80 8.94
N LYS A 197 -13.58 14.19 8.62
CA LYS A 197 -12.33 14.92 8.42
C LYS A 197 -11.95 14.85 6.95
N ILE A 198 -11.38 15.94 6.44
CA ILE A 198 -10.86 15.97 5.07
C ILE A 198 -9.55 15.19 5.07
N LYS A 199 -9.61 13.95 4.61
CA LYS A 199 -8.40 13.13 4.52
C LYS A 199 -7.41 13.71 3.53
N HIS A 200 -7.89 14.17 2.37
CA HIS A 200 -7.04 14.65 1.30
C HIS A 200 -7.02 16.17 1.36
N LEU A 201 -6.04 16.72 2.07
CA LEU A 201 -5.96 18.15 2.30
C LEU A 201 -5.20 18.88 1.21
N ARG A 202 -4.29 18.20 0.51
CA ARG A 202 -3.63 18.80 -0.65
C ARG A 202 -4.63 19.06 -1.76
N VAL A 203 -5.53 18.11 -2.01
CA VAL A 203 -6.56 18.29 -3.03
C VAL A 203 -7.52 19.39 -2.63
N PHE A 204 -7.88 19.44 -1.34
CA PHE A 204 -8.81 20.46 -0.86
C PHE A 204 -8.24 21.87 -1.04
N PHE A 205 -6.96 22.05 -0.77
CA PHE A 205 -6.33 23.36 -0.93
C PHE A 205 -6.35 23.82 -2.38
N VAL A 206 -6.04 22.90 -3.31
CA VAL A 206 -5.97 23.28 -4.72
C VAL A 206 -7.36 23.59 -5.27
N THR A 207 -8.34 22.75 -4.94
CA THR A 207 -9.68 22.96 -5.47
C THR A 207 -10.36 24.18 -4.87
N ALA A 208 -10.24 24.37 -3.55
CA ALA A 208 -10.90 25.50 -2.91
C ALA A 208 -10.28 26.82 -3.36
N ALA A 209 -8.98 26.85 -3.60
CA ALA A 209 -8.35 28.04 -4.14
C ALA A 209 -8.87 28.34 -5.54
N TRP A 210 -9.08 27.30 -6.35
CA TRP A 210 -9.55 27.51 -7.72
C TRP A 210 -10.99 27.99 -7.75
N SER A 211 -11.84 27.54 -6.82
CA SER A 211 -13.21 28.00 -6.79
C SER A 211 -13.29 29.46 -6.32
N ILE A 212 -12.48 29.83 -5.34
CA ILE A 212 -12.46 31.22 -4.87
C ILE A 212 -11.83 32.13 -5.92
N PHE A 213 -10.81 31.65 -6.63
CA PHE A 213 -10.21 32.43 -7.70
C PHE A 213 -11.19 32.67 -8.84
N ALA A 214 -12.15 31.75 -9.04
CA ALA A 214 -13.13 31.92 -10.10
C ALA A 214 -13.92 33.20 -9.92
N TYR A 215 -14.24 33.55 -8.69
CA TYR A 215 -14.97 34.78 -8.40
C TYR A 215 -14.03 35.98 -8.34
N THR A 216 -12.76 35.75 -7.99
CA THR A 216 -11.77 36.82 -8.09
C THR A 216 -11.46 37.15 -9.55
N TRP A 217 -11.33 36.12 -10.39
CA TRP A 217 -11.09 36.34 -11.82
C TRP A 217 -12.25 37.05 -12.48
N LEU A 218 -13.47 36.81 -11.98
CA LEU A 218 -14.63 37.52 -12.49
C LEU A 218 -14.53 39.01 -12.22
N TYR A 219 -13.94 39.38 -11.07
CA TYR A 219 -13.70 40.80 -10.78
C TYR A 219 -12.63 41.37 -11.70
N ILE A 220 -11.64 40.55 -12.07
CA ILE A 220 -10.50 41.04 -12.85
C ILE A 220 -10.97 41.51 -14.23
N ILE A 221 -11.81 40.72 -14.88
CA ILE A 221 -12.21 41.05 -16.24
C ILE A 221 -13.19 42.23 -16.27
N LEU A 222 -13.94 42.44 -15.18
CA LEU A 222 -14.89 43.56 -15.15
C LEU A 222 -14.25 44.86 -14.69
N SER A 223 -13.20 44.80 -13.87
CA SER A 223 -12.67 45.99 -13.24
C SER A 223 -11.20 46.24 -13.52
N VAL A 224 -10.38 45.19 -13.63
CA VAL A 224 -8.94 45.38 -13.76
C VAL A 224 -8.52 45.48 -15.22
N ILE A 225 -8.85 44.49 -16.04
CA ILE A 225 -8.44 44.46 -17.44
C ILE A 225 -9.60 44.96 -18.27
N SER A 226 -9.44 46.15 -18.88
CA SER A 226 -10.45 46.82 -19.70
C SER A 226 -11.76 46.91 -18.92
N PRO A 227 -11.84 47.81 -17.94
CA PRO A 227 -12.99 47.79 -17.01
C PRO A 227 -14.31 48.09 -17.70
N GLY A 228 -15.35 47.39 -17.25
CA GLY A 228 -16.70 47.60 -17.73
C GLY A 228 -17.02 46.92 -19.04
N VAL A 229 -16.06 46.23 -19.65
CA VAL A 229 -16.23 45.57 -20.94
C VAL A 229 -15.70 44.16 -20.80
N VAL A 230 -16.38 43.20 -21.43
CA VAL A 230 -15.89 41.81 -21.50
C VAL A 230 -15.45 41.55 -22.94
N GLU A 231 -14.19 41.21 -23.11
CA GLU A 231 -13.61 40.98 -24.42
C GLU A 231 -13.82 39.52 -24.84
N VAL A 232 -13.48 39.23 -26.10
CA VAL A 232 -13.66 37.87 -26.61
C VAL A 232 -12.71 36.91 -25.90
N TRP A 233 -11.44 37.30 -25.76
CA TRP A 233 -10.47 36.45 -25.08
C TRP A 233 -10.78 36.32 -23.59
N GLU A 234 -11.38 37.35 -22.99
CA GLU A 234 -11.80 37.25 -21.59
C GLU A 234 -12.92 36.24 -21.42
N GLY A 235 -13.88 36.24 -22.34
CA GLY A 235 -14.97 35.27 -22.26
C GLY A 235 -14.51 33.85 -22.49
N LEU A 236 -13.66 33.64 -23.50
CA LEU A 236 -13.18 32.29 -23.79
C LEU A 236 -12.26 31.76 -22.69
N LEU A 237 -11.38 32.62 -22.17
CA LEU A 237 -10.46 32.16 -21.12
C LEU A 237 -11.22 31.79 -19.85
N THR A 238 -12.34 32.45 -19.58
CA THR A 238 -13.20 32.01 -18.48
C THR A 238 -13.76 30.63 -18.74
N PHE A 239 -14.17 30.36 -19.98
CA PHE A 239 -14.72 29.06 -20.32
C PHE A 239 -13.65 27.97 -20.30
N PHE A 240 -12.44 28.29 -20.77
CA PHE A 240 -11.38 27.30 -20.86
C PHE A 240 -10.77 26.95 -19.51
N PHE A 241 -11.13 27.65 -18.43
CA PHE A 241 -10.77 27.16 -17.10
C PHE A 241 -11.59 25.96 -16.67
N PHE A 242 -12.75 25.73 -17.30
CA PHE A 242 -13.54 24.54 -16.97
C PHE A 242 -12.83 23.24 -17.35
N PRO A 243 -12.23 23.08 -18.54
CA PRO A 243 -11.46 21.84 -18.79
C PRO A 243 -10.31 21.64 -17.82
N ILE A 244 -9.73 22.72 -17.29
CA ILE A 244 -8.69 22.58 -16.28
C ILE A 244 -9.23 21.88 -15.03
N CYS A 245 -10.50 22.14 -14.69
CA CYS A 245 -11.15 21.40 -13.62
C CYS A 245 -11.30 19.93 -13.98
N VAL A 246 -11.60 19.64 -15.25
CA VAL A 246 -11.84 18.27 -15.67
C VAL A 246 -10.54 17.47 -15.66
N VAL A 247 -9.46 18.04 -16.22
CA VAL A 247 -8.19 17.33 -16.27
C VAL A 247 -7.61 17.12 -14.88
N PHE A 248 -7.75 18.11 -14.00
CA PHE A 248 -7.24 17.95 -12.63
C PHE A 248 -7.98 16.85 -11.89
N ALA A 249 -9.28 16.71 -12.15
CA ALA A 249 -10.04 15.62 -11.55
C ALA A 249 -9.53 14.26 -12.01
N TRP A 250 -9.21 14.15 -13.30
CA TRP A 250 -8.67 12.89 -13.82
C TRP A 250 -7.26 12.65 -13.30
N VAL A 251 -6.45 13.71 -13.19
CA VAL A 251 -5.11 13.58 -12.66
C VAL A 251 -5.13 13.18 -11.19
N ALA A 252 -6.05 13.76 -10.41
CA ALA A 252 -6.09 13.50 -8.98
C ALA A 252 -6.46 12.05 -8.68
N ASP A 253 -7.37 11.48 -9.47
CA ASP A 253 -7.75 10.08 -9.26
C ASP A 253 -6.58 9.15 -9.59
N ARG A 254 -5.83 9.44 -10.64
CA ARG A 254 -4.73 8.58 -11.04
C ARG A 254 -3.58 8.65 -10.05
N ARG A 255 -3.12 9.86 -9.73
CA ARG A 255 -1.87 10.02 -9.00
C ARG A 255 -2.02 10.66 -7.63
N LEU A 256 -2.90 11.65 -7.46
CA LEU A 256 -2.98 12.30 -6.15
C LEU A 256 -3.72 11.43 -5.14
N LEU A 257 -4.78 10.74 -5.56
CA LEU A 257 -5.55 9.91 -4.64
C LEU A 257 -5.12 8.45 -4.64
N PHE A 258 -4.69 7.94 -5.79
CA PHE A 258 -4.49 6.50 -6.01
C PHE A 258 -5.76 5.73 -5.67
N TYR A 259 -6.86 6.08 -6.35
CA TYR A 259 -8.16 5.51 -6.02
C TYR A 259 -8.22 4.00 -6.21
N LYS A 260 -7.41 3.46 -7.12
CA LYS A 260 -7.42 2.01 -7.34
C LYS A 260 -6.96 1.25 -6.10
N TYR A 261 -6.12 1.87 -5.27
CA TYR A 261 -5.43 1.18 -4.20
C TYR A 261 -5.85 1.62 -2.81
N VAL A 262 -6.94 2.37 -2.69
CA VAL A 262 -7.47 2.70 -1.37
C VAL A 262 -8.43 1.61 -0.92
N TYR A 263 -8.70 1.59 0.39
CA TYR A 263 -9.69 0.68 0.94
C TYR A 263 -11.08 1.09 0.49
N LYS A 264 -11.86 0.12 0.03
CA LYS A 264 -13.16 0.39 -0.56
C LYS A 264 -14.29 0.06 0.40
N ARG A 265 -15.25 0.96 0.49
CA ARG A 265 -16.47 0.77 1.26
C ARG A 265 -17.66 0.94 0.32
N TYR A 266 -18.72 0.19 0.57
CA TYR A 266 -19.89 0.21 -0.29
C TYR A 266 -21.14 0.57 0.52
N ARG A 267 -21.95 1.45 -0.05
CA ARG A 267 -23.22 1.84 0.51
C ARG A 267 -24.27 1.78 -0.59
N ALA A 268 -25.52 1.61 -0.18
CA ALA A 268 -26.61 1.54 -1.15
C ALA A 268 -26.93 2.93 -1.69
N GLY A 269 -27.06 3.03 -3.01
CA GLY A 269 -27.45 4.29 -3.62
C GLY A 269 -28.94 4.52 -3.56
N LYS A 270 -29.33 5.72 -3.99
CA LYS A 270 -30.72 6.15 -3.99
C LYS A 270 -31.56 5.55 -5.11
N GLN A 271 -30.91 4.95 -6.10
CA GLN A 271 -31.61 4.32 -7.21
C GLN A 271 -31.99 2.89 -6.85
N ARG A 272 -32.62 2.21 -7.81
CA ARG A 272 -33.14 0.86 -7.56
C ARG A 272 -32.00 -0.15 -7.39
N GLY A 273 -31.03 -0.13 -8.31
CA GLY A 273 -29.98 -1.14 -8.27
C GLY A 273 -28.59 -0.56 -8.14
N MET A 274 -28.51 0.73 -7.83
CA MET A 274 -27.21 1.40 -7.74
C MET A 274 -26.55 1.13 -6.40
N ILE A 275 -25.24 0.89 -6.43
CA ILE A 275 -24.42 0.71 -5.25
C ILE A 275 -23.29 1.71 -5.33
N ILE A 276 -23.11 2.50 -4.27
CA ILE A 276 -22.11 3.56 -4.26
C ILE A 276 -20.86 3.04 -3.56
N GLU A 277 -19.72 3.14 -4.23
CA GLU A 277 -18.45 2.68 -3.69
C GLU A 277 -17.56 3.88 -3.40
N HIS A 278 -17.05 3.95 -2.17
CA HIS A 278 -16.27 5.09 -1.73
C HIS A 278 -15.06 4.60 -0.94
N GLU A 279 -14.22 5.57 -0.56
CA GLU A 279 -13.01 5.29 0.19
C GLU A 279 -13.30 5.15 1.68
N GLY A 280 -12.56 4.28 2.36
CA GLY A 280 -12.68 4.10 3.78
C GLY A 280 -11.32 3.88 4.43
N ASP A 281 -11.34 3.68 5.74
CA ASP A 281 -10.12 3.43 6.50
C ASP A 281 -9.84 1.94 6.57
N ARG A 282 -8.66 1.54 6.11
CA ARG A 282 -8.25 0.13 6.10
C ARG A 282 -8.10 -0.37 7.53
N PRO A 283 -8.78 -1.47 7.92
CA PRO A 283 -8.67 -2.07 9.25
C PRO A 283 -7.25 -2.53 9.58
N PRO A 380 35.61 -13.08 64.51
CA PRO A 380 35.28 -13.01 63.08
C PRO A 380 35.96 -11.84 62.36
N VAL A 381 37.17 -12.10 61.84
CA VAL A 381 37.91 -11.07 61.12
C VAL A 381 37.24 -10.77 59.78
N SER A 382 37.48 -9.56 59.28
CA SER A 382 36.90 -9.14 58.02
C SER A 382 37.47 -9.94 56.86
N LYS A 383 36.63 -10.16 55.85
CA LYS A 383 37.02 -10.90 54.65
C LYS A 383 36.47 -10.19 53.43
N ILE A 384 37.20 -10.35 52.31
CA ILE A 384 36.89 -9.67 51.06
C ILE A 384 36.54 -10.72 50.02
N PHE A 385 35.40 -10.54 49.37
CA PHE A 385 34.86 -11.53 48.46
C PHE A 385 33.88 -10.86 47.50
N PHE A 386 33.66 -11.51 46.35
CA PHE A 386 32.75 -10.99 45.35
C PHE A 386 31.30 -11.15 45.80
N GLU A 387 30.44 -10.24 45.34
CA GLU A 387 29.04 -10.27 45.72
C GLU A 387 28.32 -11.47 45.14
N GLN A 388 28.48 -11.73 43.84
CA GLN A 388 27.74 -12.78 43.15
C GLN A 388 28.56 -14.04 42.93
N GLY A 389 29.78 -13.90 42.39
CA GLY A 389 30.58 -15.04 42.02
C GLY A 389 30.38 -15.50 40.59
N THR A 390 29.38 -14.97 39.89
CA THR A 390 29.17 -15.24 38.47
C THR A 390 28.33 -14.09 37.91
N TYR A 391 28.89 -13.35 36.97
CA TYR A 391 28.22 -12.18 36.41
C TYR A 391 27.92 -12.41 34.94
N GLN A 392 26.89 -11.75 34.45
CA GLN A 392 26.37 -12.01 33.12
C GLN A 392 26.26 -10.68 32.39
N CYS A 393 26.59 -10.66 31.10
CA CYS A 393 26.50 -9.43 30.33
C CYS A 393 26.35 -9.74 28.85
N LEU A 394 25.77 -8.79 28.13
CA LEU A 394 25.77 -8.84 26.67
C LEU A 394 27.09 -8.31 26.12
N GLU A 395 27.27 -8.47 24.81
CA GLU A 395 28.50 -8.00 24.20
C GLU A 395 28.50 -6.48 24.02
N ASN A 396 27.32 -5.89 23.80
CA ASN A 396 27.22 -4.45 23.56
C ASN A 396 27.01 -3.65 24.84
N CYS A 397 27.28 -4.23 26.00
CA CYS A 397 27.09 -3.53 27.27
C CYS A 397 28.09 -2.39 27.42
N GLY A 398 29.29 -2.56 26.89
CA GLY A 398 30.35 -1.57 27.05
C GLY A 398 31.25 -1.89 28.22
N THR A 399 30.67 -2.02 29.41
CA THR A 399 31.38 -2.42 30.61
C THR A 399 30.48 -3.30 31.46
N VAL A 400 31.08 -4.24 32.19
CA VAL A 400 30.35 -5.12 33.08
C VAL A 400 30.66 -4.74 34.53
N ALA A 401 29.64 -4.73 35.37
CA ALA A 401 29.76 -4.26 36.74
C ALA A 401 30.01 -5.42 37.68
N LEU A 402 31.06 -5.34 38.48
CA LEU A 402 31.38 -6.33 39.50
C LEU A 402 31.44 -5.62 40.85
N THR A 403 30.81 -6.22 41.85
CA THR A 403 30.73 -5.63 43.19
C THR A 403 31.58 -6.46 44.14
N ILE A 404 32.65 -5.89 44.63
CA ILE A 404 33.46 -6.49 45.68
C ILE A 404 32.92 -6.02 47.02
N ILE A 405 32.89 -6.91 48.01
CA ILE A 405 32.35 -6.61 49.33
C ILE A 405 33.38 -6.97 50.39
N ARG A 406 33.64 -6.03 51.29
CA ARG A 406 34.36 -6.31 52.52
C ARG A 406 33.33 -6.39 53.65
N ARG A 407 33.33 -7.50 54.37
CA ARG A 407 32.31 -7.75 55.38
C ARG A 407 32.96 -8.36 56.61
N GLY A 408 32.43 -8.00 57.78
CA GLY A 408 32.93 -8.54 59.04
C GLY A 408 34.05 -7.71 59.63
N GLY A 409 34.64 -8.27 60.68
CA GLY A 409 35.74 -7.61 61.38
C GLY A 409 35.33 -6.27 61.95
N ASP A 410 36.21 -5.28 61.78
CA ASP A 410 35.92 -3.91 62.13
C ASP A 410 35.95 -3.05 60.87
N LEU A 411 34.94 -2.20 60.71
CA LEU A 411 34.84 -1.38 59.50
C LEU A 411 35.79 -0.20 59.53
N THR A 412 36.10 0.34 60.71
CA THR A 412 37.00 1.48 60.83
C THR A 412 38.44 1.01 60.62
N ASN A 413 38.75 0.70 59.36
CA ASN A 413 40.07 0.20 58.98
C ASN A 413 40.23 0.40 57.49
N THR A 414 41.47 0.24 57.03
CA THR A 414 41.82 0.37 55.62
C THR A 414 42.18 -0.99 55.06
N VAL A 415 41.56 -1.35 53.93
CA VAL A 415 41.76 -2.66 53.31
C VAL A 415 42.20 -2.44 51.87
N PHE A 416 43.23 -3.19 51.45
CA PHE A 416 43.77 -3.13 50.11
C PHE A 416 43.59 -4.48 49.45
N VAL A 417 43.03 -4.50 48.24
CA VAL A 417 42.83 -5.75 47.50
C VAL A 417 43.13 -5.51 46.02
N ASP A 418 43.84 -6.45 45.41
CA ASP A 418 44.18 -6.38 44.00
C ASP A 418 43.24 -7.26 43.18
N PHE A 419 42.97 -6.84 41.95
CA PHE A 419 42.14 -7.63 41.05
C PHE A 419 42.79 -7.65 39.67
N ARG A 420 42.56 -8.73 38.94
CA ARG A 420 43.12 -8.88 37.59
C ARG A 420 42.31 -9.89 36.80
N THR A 421 42.04 -9.57 35.53
CA THR A 421 41.28 -10.47 34.68
C THR A 421 42.19 -11.53 34.09
N GLU A 422 41.62 -12.71 33.84
CA GLU A 422 42.35 -13.82 33.26
C GLU A 422 41.51 -14.43 32.15
N ASP A 423 42.16 -14.82 31.06
CA ASP A 423 41.45 -15.34 29.90
C ASP A 423 40.82 -16.69 30.19
N GLY A 424 39.60 -16.86 29.71
CA GLY A 424 38.92 -18.14 29.75
C GLY A 424 38.60 -18.60 28.34
N THR A 425 37.32 -18.74 28.04
CA THR A 425 36.91 -18.96 26.66
C THR A 425 37.03 -17.67 25.85
N ALA A 426 36.86 -16.53 26.50
CA ALA A 426 37.02 -15.22 25.87
C ALA A 426 38.43 -14.70 26.12
N ASN A 427 39.04 -14.13 25.09
CA ASN A 427 40.43 -13.73 25.12
C ASN A 427 40.56 -12.22 25.25
N ALA A 428 41.57 -11.78 26.00
CA ALA A 428 41.77 -10.37 26.25
C ALA A 428 42.20 -9.65 24.98
N GLY A 429 41.64 -8.46 24.78
CA GLY A 429 41.95 -7.66 23.61
C GLY A 429 41.09 -7.95 22.40
N SER A 430 40.40 -9.07 22.38
CA SER A 430 39.49 -9.45 21.30
C SER A 430 38.04 -9.49 21.74
N ASP A 431 37.76 -10.02 22.93
CA ASP A 431 36.41 -10.09 23.46
C ASP A 431 36.18 -9.18 24.66
N TYR A 432 37.23 -8.84 25.40
CA TYR A 432 37.13 -7.97 26.56
C TYR A 432 38.43 -7.21 26.74
N GLU A 433 38.37 -6.13 27.51
CA GLU A 433 39.53 -5.30 27.79
C GLU A 433 40.24 -5.81 29.03
N PHE A 434 41.55 -6.05 28.91
CA PHE A 434 42.33 -6.47 30.06
C PHE A 434 42.43 -5.34 31.07
N THR A 435 42.14 -5.65 32.34
CA THR A 435 42.04 -4.64 33.38
C THR A 435 42.75 -5.11 34.63
N GLU A 436 43.57 -4.23 35.21
CA GLU A 436 44.21 -4.45 36.50
C GLU A 436 43.95 -3.25 37.38
N GLY A 437 44.03 -3.45 38.69
CA GLY A 437 43.85 -2.35 39.60
C GLY A 437 43.95 -2.79 41.05
N THR A 438 43.70 -1.81 41.93
CA THR A 438 43.73 -2.04 43.37
C THR A 438 42.59 -1.25 43.99
N VAL A 439 41.82 -1.90 44.86
CA VAL A 439 40.64 -1.33 45.47
C VAL A 439 40.94 -1.03 46.93
N VAL A 440 40.59 0.19 47.36
CA VAL A 440 40.86 0.66 48.72
C VAL A 440 39.52 0.75 49.45
N PHE A 441 39.41 0.03 50.57
CA PHE A 441 38.21 0.08 51.40
C PHE A 441 38.44 1.09 52.53
N LYS A 442 37.69 2.19 52.48
CA LYS A 442 37.79 3.24 53.47
C LYS A 442 37.15 2.79 54.78
N PRO A 443 37.46 3.46 55.89
CA PRO A 443 36.74 3.18 57.14
C PRO A 443 35.25 3.50 56.99
N GLY A 444 34.41 2.57 57.41
CA GLY A 444 32.98 2.69 57.21
C GLY A 444 32.51 2.34 55.82
N ASP A 445 33.38 1.80 54.97
CA ASP A 445 33.02 1.43 53.60
C ASP A 445 33.03 -0.08 53.47
N THR A 446 32.03 -0.62 52.78
CA THR A 446 31.84 -2.06 52.68
C THR A 446 31.95 -2.60 51.27
N GLN A 447 31.38 -1.88 50.29
CA GLN A 447 31.40 -2.37 48.92
C GLN A 447 31.94 -1.35 47.92
N LYS A 448 32.67 -1.87 46.94
CA LYS A 448 33.25 -1.06 45.87
C LYS A 448 33.01 -1.72 44.53
N GLU A 449 32.47 -0.96 43.58
CA GLU A 449 32.19 -1.47 42.24
C GLU A 449 33.40 -1.30 41.34
N ILE A 450 33.69 -2.34 40.56
CA ILE A 450 34.74 -2.27 39.55
C ILE A 450 34.11 -2.62 38.21
N ARG A 451 34.72 -2.11 37.13
CA ARG A 451 34.10 -2.17 35.82
C ARG A 451 35.12 -2.74 34.84
N VAL A 452 34.68 -3.69 34.01
CA VAL A 452 35.55 -4.35 33.03
C VAL A 452 34.96 -4.12 31.65
N GLY A 453 35.78 -3.62 30.73
CA GLY A 453 35.28 -3.28 29.40
C GLY A 453 35.06 -4.50 28.54
N ILE A 454 33.95 -4.51 27.82
CA ILE A 454 33.58 -5.59 26.91
C ILE A 454 33.67 -5.07 25.49
N ILE A 455 34.54 -5.66 24.69
CA ILE A 455 34.80 -5.19 23.33
C ILE A 455 33.72 -5.71 22.40
N ASP A 456 33.00 -4.81 21.77
CA ASP A 456 31.98 -5.17 20.80
C ASP A 456 32.60 -5.41 19.43
N ASP A 457 31.93 -6.23 18.63
CA ASP A 457 32.33 -6.48 17.26
C ASP A 457 31.11 -6.85 16.43
N ASP A 458 31.36 -7.39 15.24
CA ASP A 458 30.31 -7.68 14.28
C ASP A 458 30.11 -9.17 14.05
N ILE A 459 31.03 -9.99 14.51
CA ILE A 459 31.10 -11.41 14.19
C ILE A 459 30.25 -12.20 15.17
N PHE A 460 29.59 -13.24 14.67
CA PHE A 460 28.84 -14.15 15.55
C PHE A 460 29.79 -15.02 16.34
N GLU A 461 29.45 -15.27 17.61
CA GLU A 461 30.23 -16.09 18.52
C GLU A 461 29.28 -16.82 19.46
N GLU A 462 29.79 -17.87 20.09
CA GLU A 462 29.04 -18.54 21.14
C GLU A 462 29.25 -17.81 22.47
N ASP A 463 28.59 -18.30 23.51
CA ASP A 463 28.77 -17.72 24.84
C ASP A 463 30.20 -18.00 25.33
N GLU A 464 30.86 -16.95 25.81
CA GLU A 464 32.24 -17.04 26.22
C GLU A 464 32.37 -16.43 27.61
N ASN A 465 33.44 -16.83 28.31
CA ASN A 465 33.59 -16.43 29.71
C ASN A 465 35.04 -16.12 30.00
N PHE A 466 35.25 -15.26 31.00
CA PHE A 466 36.58 -14.95 31.49
C PHE A 466 36.52 -14.83 33.01
N LEU A 467 37.69 -14.89 33.63
CA LEU A 467 37.81 -14.94 35.08
C LEU A 467 38.40 -13.63 35.61
N VAL A 468 37.84 -13.15 36.71
CA VAL A 468 38.38 -12.00 37.44
C VAL A 468 38.71 -12.47 38.85
N HIS A 469 39.95 -12.27 39.25
CA HIS A 469 40.45 -12.81 40.51
C HIS A 469 40.67 -11.68 41.52
N LEU A 470 40.79 -12.07 42.79
CA LEU A 470 41.21 -11.17 43.85
C LEU A 470 42.44 -11.75 44.54
N SER A 471 43.37 -10.88 44.91
CA SER A 471 44.59 -11.33 45.56
C SER A 471 45.20 -10.19 46.36
N ASN A 472 46.17 -10.54 47.20
CA ASN A 472 47.00 -9.59 47.95
C ASN A 472 46.16 -8.69 48.85
N VAL A 473 45.45 -9.32 49.79
CA VAL A 473 44.72 -8.57 50.80
C VAL A 473 45.69 -8.00 51.82
N LYS A 474 45.61 -6.70 52.07
CA LYS A 474 46.53 -6.03 52.97
C LYS A 474 45.81 -4.95 53.76
N VAL A 475 46.36 -4.63 54.92
CA VAL A 475 45.84 -3.59 55.80
C VAL A 475 46.97 -2.61 56.12
N SER A 476 46.73 -1.32 55.92
CA SER A 476 47.70 -0.31 56.28
C SER A 476 47.63 -0.01 57.77
N SER A 477 48.79 0.37 58.32
CA SER A 477 48.96 0.69 59.74
C SER A 477 48.50 -0.44 60.66
N THR A 492 45.28 -12.29 58.75
CA THR A 492 45.39 -11.20 59.71
C THR A 492 44.04 -10.56 59.97
N LEU A 493 44.02 -9.22 60.01
CA LEU A 493 42.77 -8.49 60.21
C LEU A 493 41.82 -8.68 59.03
N ALA A 494 42.35 -8.63 57.80
CA ALA A 494 41.55 -8.82 56.60
C ALA A 494 42.15 -9.97 55.79
N CYS A 495 41.27 -10.86 55.31
CA CYS A 495 41.69 -12.04 54.58
C CYS A 495 40.85 -12.17 53.31
N LEU A 496 41.27 -13.08 52.44
CA LEU A 496 40.59 -13.31 51.16
C LEU A 496 39.47 -14.31 51.37
N GLY A 497 38.22 -13.85 51.23
CA GLY A 497 37.06 -14.68 51.47
C GLY A 497 36.58 -15.40 50.22
N SER A 498 35.39 -15.97 50.34
CA SER A 498 34.77 -16.72 49.25
C SER A 498 33.41 -16.11 48.89
N PRO A 499 33.09 -15.98 47.59
CA PRO A 499 33.92 -16.37 46.44
C PRO A 499 35.02 -15.37 46.11
N SER A 500 36.24 -15.88 45.91
CA SER A 500 37.38 -15.03 45.59
C SER A 500 37.55 -14.81 44.10
N THR A 501 36.74 -15.46 43.26
CA THR A 501 36.85 -15.35 41.82
C THR A 501 35.47 -15.24 41.22
N ALA A 502 35.31 -14.33 40.25
CA ALA A 502 34.05 -14.13 39.55
C ALA A 502 34.21 -14.54 38.10
N THR A 503 33.18 -15.17 37.55
CA THR A 503 33.15 -15.60 36.16
C THR A 503 32.15 -14.72 35.43
N VAL A 504 32.63 -13.93 34.48
CA VAL A 504 31.80 -13.06 33.66
C VAL A 504 31.56 -13.74 32.34
N THR A 505 30.29 -13.92 31.97
CA THR A 505 29.91 -14.60 30.75
C THR A 505 29.30 -13.61 29.78
N ILE A 506 29.85 -13.56 28.57
CA ILE A 506 29.43 -12.59 27.55
C ILE A 506 28.47 -13.26 26.59
N PHE A 507 27.26 -12.71 26.47
CA PHE A 507 26.29 -13.18 25.49
C PHE A 507 26.45 -12.38 24.21
N ASP A 508 26.78 -13.07 23.12
CA ASP A 508 26.88 -12.45 21.82
C ASP A 508 25.48 -12.09 21.30
N ASP A 509 25.43 -11.12 20.39
CA ASP A 509 24.17 -10.71 19.78
C ASP A 509 24.33 -10.38 18.30
N ASP A 510 25.32 -10.99 17.62
CA ASP A 510 25.63 -10.68 16.23
C ASP A 510 25.15 -11.76 15.26
N HIS A 511 23.97 -12.32 15.51
CA HIS A 511 23.34 -13.19 14.53
C HIS A 511 22.63 -12.33 13.50
N ALA A 512 22.79 -12.66 12.22
CA ALA A 512 22.28 -11.78 11.17
C ALA A 512 20.77 -11.87 10.98
N GLY A 513 20.13 -12.90 11.51
CA GLY A 513 18.69 -12.96 11.56
C GLY A 513 18.14 -14.29 11.08
N ILE A 514 16.86 -14.51 11.39
CA ILE A 514 16.09 -15.64 10.91
C ILE A 514 14.77 -15.07 10.38
N PHE A 515 14.57 -15.13 9.08
CA PHE A 515 13.44 -14.47 8.44
C PHE A 515 12.29 -15.44 8.16
N THR A 516 11.08 -15.00 8.51
CA THR A 516 9.90 -15.83 8.45
C THR A 516 8.68 -14.93 8.26
N PHE A 517 7.56 -15.56 7.92
CA PHE A 517 6.29 -14.86 7.86
C PHE A 517 5.59 -14.99 9.21
N GLU A 518 4.62 -14.10 9.46
CA GLU A 518 3.92 -14.15 10.74
C GLU A 518 3.05 -15.40 10.85
N GLU A 519 2.23 -15.66 9.84
CA GLU A 519 1.37 -16.83 9.81
C GLU A 519 1.49 -17.47 8.43
N PRO A 520 1.19 -18.78 8.31
CA PRO A 520 1.33 -19.41 6.99
C PRO A 520 0.18 -19.12 6.02
N VAL A 521 -1.01 -18.86 6.55
CA VAL A 521 -2.20 -18.60 5.73
C VAL A 521 -2.84 -17.30 6.17
N THR A 522 -3.09 -16.40 5.23
CA THR A 522 -3.73 -15.13 5.53
C THR A 522 -4.96 -14.96 4.64
N HIS A 523 -5.96 -14.25 5.17
CA HIS A 523 -7.22 -14.00 4.48
C HIS A 523 -7.35 -12.50 4.26
N VAL A 524 -7.53 -12.09 3.00
CA VAL A 524 -7.76 -10.69 2.69
C VAL A 524 -9.01 -10.57 1.84
N SER A 525 -9.70 -9.44 1.99
CA SER A 525 -10.82 -9.13 1.11
C SER A 525 -10.30 -8.46 -0.16
N GLU A 526 -11.09 -8.58 -1.23
CA GLU A 526 -10.68 -8.01 -2.51
C GLU A 526 -10.72 -6.49 -2.52
N SER A 527 -11.35 -5.86 -1.54
CA SER A 527 -11.42 -4.41 -1.44
C SER A 527 -10.30 -3.83 -0.58
N ILE A 528 -9.29 -4.64 -0.24
CA ILE A 528 -8.24 -4.16 0.65
C ILE A 528 -7.39 -3.08 -0.02
N GLY A 529 -7.26 -3.10 -1.34
CA GLY A 529 -6.42 -2.11 -1.99
C GLY A 529 -4.98 -2.54 -1.99
N ILE A 530 -4.23 -2.04 -1.02
CA ILE A 530 -2.86 -2.45 -0.74
C ILE A 530 -2.89 -3.34 0.49
N MET A 531 -2.37 -4.55 0.37
CA MET A 531 -2.15 -5.40 1.53
C MET A 531 -0.67 -5.39 1.89
N GLU A 532 -0.39 -5.31 3.19
CA GLU A 532 0.98 -5.25 3.68
C GLU A 532 1.29 -6.51 4.47
N VAL A 533 2.30 -7.24 4.03
CA VAL A 533 2.70 -8.51 4.64
C VAL A 533 4.03 -8.30 5.34
N LYS A 534 4.06 -8.52 6.65
CA LYS A 534 5.25 -8.32 7.44
C LYS A 534 6.18 -9.52 7.34
N VAL A 535 7.47 -9.25 7.18
CA VAL A 535 8.52 -10.26 7.21
C VAL A 535 9.35 -10.00 8.45
N LEU A 536 9.37 -10.96 9.37
CA LEU A 536 10.00 -10.79 10.66
C LEU A 536 11.44 -11.27 10.63
N ARG A 537 12.29 -10.62 11.42
CA ARG A 537 13.68 -11.01 11.61
C ARG A 537 13.83 -11.45 13.06
N THR A 538 14.27 -12.69 13.26
CA THR A 538 14.18 -13.33 14.56
C THR A 538 15.56 -13.71 15.08
N SER A 539 15.78 -13.46 16.37
CA SER A 539 17.00 -13.87 17.10
C SER A 539 18.26 -13.27 16.47
N GLY A 540 18.28 -11.95 16.38
CA GLY A 540 19.42 -11.25 15.84
C GLY A 540 19.05 -10.34 14.69
N ALA A 541 19.65 -9.16 14.64
CA ALA A 541 19.38 -8.20 13.59
C ALA A 541 20.66 -7.51 13.15
N ARG A 542 21.72 -8.28 12.95
CA ARG A 542 23.04 -7.73 12.68
C ARG A 542 23.33 -7.69 11.18
N GLY A 543 23.81 -6.55 10.70
CA GLY A 543 24.21 -6.40 9.32
C GLY A 543 23.04 -6.11 8.41
N ASN A 544 23.37 -5.84 7.15
CA ASN A 544 22.38 -5.60 6.11
C ASN A 544 22.16 -6.88 5.34
N VAL A 545 20.90 -7.30 5.23
CA VAL A 545 20.55 -8.58 4.63
C VAL A 545 19.53 -8.33 3.52
N ILE A 546 19.78 -8.91 2.35
CA ILE A 546 18.89 -8.83 1.21
C ILE A 546 18.04 -10.10 1.17
N VAL A 547 16.72 -9.95 1.25
CA VAL A 547 15.78 -11.06 1.23
C VAL A 547 14.92 -10.93 -0.02
N PRO A 548 15.19 -11.72 -1.06
CA PRO A 548 14.34 -11.70 -2.25
C PRO A 548 12.94 -12.22 -1.97
N TYR A 549 11.99 -11.74 -2.76
CA TYR A 549 10.60 -12.16 -2.61
C TYR A 549 9.91 -12.13 -3.97
N LYS A 550 8.81 -12.87 -4.08
CA LYS A 550 8.03 -12.91 -5.31
C LYS A 550 6.62 -13.37 -4.98
N THR A 551 5.70 -13.15 -5.92
CA THR A 551 4.34 -13.65 -5.85
C THR A 551 4.18 -14.83 -6.81
N ILE A 552 3.42 -15.82 -6.37
CA ILE A 552 3.19 -17.04 -7.14
C ILE A 552 1.69 -17.18 -7.36
N GLU A 553 1.30 -17.42 -8.60
CA GLU A 553 -0.12 -17.56 -8.93
C GLU A 553 -0.64 -18.91 -8.49
N GLY A 554 -1.76 -18.90 -7.78
CA GLY A 554 -2.46 -20.13 -7.44
C GLY A 554 -3.78 -20.20 -8.17
N THR A 555 -4.88 -20.25 -7.41
CA THR A 555 -6.19 -20.13 -8.05
C THR A 555 -6.43 -18.72 -8.56
N ALA A 556 -5.92 -17.72 -7.85
CA ALA A 556 -6.03 -16.32 -8.27
C ALA A 556 -5.03 -16.07 -9.37
N ARG A 557 -5.47 -16.21 -10.62
CA ARG A 557 -4.60 -15.94 -11.77
C ARG A 557 -4.50 -14.44 -11.90
N GLY A 558 -3.45 -13.86 -11.33
CA GLY A 558 -3.34 -12.42 -11.27
C GLY A 558 -2.16 -11.83 -12.01
N GLY A 559 -2.45 -11.12 -13.09
CA GLY A 559 -1.49 -10.30 -13.78
C GLY A 559 -2.11 -8.93 -13.96
N GLY A 560 -2.85 -8.51 -12.94
CA GLY A 560 -3.81 -7.43 -13.04
C GLY A 560 -5.25 -7.90 -12.99
N GLU A 561 -5.47 -9.21 -13.05
CA GLU A 561 -6.82 -9.76 -13.00
C GLU A 561 -7.34 -9.82 -11.57
N ASP A 562 -6.66 -10.57 -10.70
CA ASP A 562 -7.02 -10.65 -9.29
C ASP A 562 -6.00 -9.98 -8.38
N PHE A 563 -4.75 -9.87 -8.84
CA PHE A 563 -3.73 -9.11 -8.13
C PHE A 563 -2.68 -8.69 -9.14
N GLU A 564 -1.76 -7.84 -8.69
CA GLU A 564 -0.63 -7.41 -9.52
C GLU A 564 0.62 -8.15 -9.06
N ASP A 565 1.32 -8.75 -10.02
CA ASP A 565 2.54 -9.49 -9.69
C ASP A 565 3.60 -8.52 -9.19
N THR A 566 4.27 -8.90 -8.11
CA THR A 566 5.37 -8.11 -7.58
C THR A 566 6.52 -9.04 -7.22
N CYS A 567 7.74 -8.53 -7.38
CA CYS A 567 8.95 -9.23 -6.99
C CYS A 567 10.02 -8.19 -6.70
N GLY A 568 11.04 -8.60 -5.98
CA GLY A 568 12.10 -7.67 -5.64
C GLY A 568 12.99 -8.22 -4.55
N GLU A 569 13.54 -7.31 -3.77
CA GLU A 569 14.44 -7.67 -2.68
C GLU A 569 14.20 -6.73 -1.51
N LEU A 570 13.98 -7.31 -0.33
CA LEU A 570 13.87 -6.53 0.90
C LEU A 570 15.24 -6.41 1.52
N GLU A 571 15.65 -5.18 1.84
CA GLU A 571 16.93 -4.94 2.48
C GLU A 571 16.68 -4.55 3.93
N PHE A 572 17.06 -5.44 4.84
CA PHE A 572 16.94 -5.18 6.27
C PHE A 572 18.21 -4.49 6.73
N GLN A 573 18.07 -3.27 7.27
CA GLN A 573 19.23 -2.57 7.77
C GLN A 573 19.68 -3.16 9.10
N ASN A 574 20.79 -2.62 9.61
CA ASN A 574 21.30 -3.09 10.90
C ASN A 574 20.31 -2.75 12.01
N ASP A 575 20.05 -3.72 12.87
CA ASP A 575 19.14 -3.60 14.02
C ASP A 575 17.71 -3.29 13.58
N GLU A 576 17.31 -3.74 12.40
CA GLU A 576 15.95 -3.62 11.89
C GLU A 576 15.32 -5.00 11.88
N ILE A 577 14.15 -5.13 12.51
CA ILE A 577 13.58 -6.45 12.79
C ILE A 577 12.27 -6.71 12.06
N VAL A 578 11.82 -5.80 11.19
CA VAL A 578 10.60 -6.05 10.43
C VAL A 578 10.62 -5.18 9.17
N LYS A 579 10.06 -5.73 8.09
CA LYS A 579 9.79 -5.00 6.86
C LYS A 579 8.54 -5.58 6.23
N THR A 580 7.88 -4.79 5.40
CA THR A 580 6.60 -5.16 4.83
C THR A 580 6.68 -5.30 3.32
N ILE A 581 5.80 -6.15 2.78
CA ILE A 581 5.65 -6.34 1.35
C ILE A 581 4.26 -5.87 0.96
N SER A 582 4.19 -4.96 -0.01
CA SER A 582 2.92 -4.41 -0.47
C SER A 582 2.51 -5.10 -1.76
N VAL A 583 1.34 -5.74 -1.76
CA VAL A 583 0.80 -6.43 -2.91
C VAL A 583 -0.52 -5.79 -3.27
N LYS A 584 -0.70 -5.47 -4.55
CA LYS A 584 -1.88 -4.76 -5.01
C LYS A 584 -2.96 -5.77 -5.38
N VAL A 585 -4.09 -5.72 -4.67
CA VAL A 585 -5.18 -6.67 -4.87
C VAL A 585 -6.29 -5.97 -5.65
N ILE A 586 -6.68 -6.58 -6.77
CA ILE A 586 -7.68 -5.98 -7.66
C ILE A 586 -9.07 -6.27 -7.10
N ASP A 587 -9.90 -5.22 -7.04
CA ASP A 587 -11.26 -5.32 -6.55
C ASP A 587 -12.21 -5.55 -7.72
N ASP A 588 -13.06 -6.56 -7.61
CA ASP A 588 -13.87 -7.00 -8.74
C ASP A 588 -15.36 -6.99 -8.44
N GLU A 589 -15.77 -6.57 -7.24
CA GLU A 589 -17.15 -6.58 -6.78
C GLU A 589 -17.83 -7.93 -7.03
N GLU A 590 -17.33 -8.95 -6.34
CA GLU A 590 -17.89 -10.29 -6.39
C GLU A 590 -18.70 -10.56 -5.13
N TYR A 591 -19.88 -11.17 -5.32
CA TYR A 591 -20.71 -11.52 -4.16
C TYR A 591 -20.10 -12.65 -3.36
N GLU A 592 -19.48 -13.62 -4.03
CA GLU A 592 -18.84 -14.75 -3.37
C GLU A 592 -17.55 -15.04 -4.10
N LYS A 593 -16.44 -15.05 -3.36
CA LYS A 593 -15.13 -15.20 -3.96
C LYS A 593 -14.25 -16.03 -3.04
N ASN A 594 -13.47 -16.94 -3.64
CA ASN A 594 -12.44 -17.67 -2.90
C ASN A 594 -11.31 -17.95 -3.89
N LYS A 595 -10.33 -17.06 -3.92
CA LYS A 595 -9.16 -17.18 -4.76
C LYS A 595 -7.91 -17.27 -3.91
N THR A 596 -6.88 -17.90 -4.45
CA THR A 596 -5.66 -18.16 -3.68
C THR A 596 -4.44 -17.81 -4.53
N PHE A 597 -3.52 -17.04 -3.96
CA PHE A 597 -2.21 -16.84 -4.55
C PHE A 597 -1.18 -16.92 -3.44
N PHE A 598 0.09 -17.01 -3.82
CA PHE A 598 1.16 -17.25 -2.88
C PHE A 598 2.21 -16.16 -2.93
N LEU A 599 2.89 -15.97 -1.81
CA LEU A 599 3.96 -14.99 -1.66
C LEU A 599 5.11 -15.70 -0.96
N GLU A 600 6.26 -15.77 -1.63
CA GLU A 600 7.39 -16.54 -1.13
C GLU A 600 8.62 -15.67 -1.02
N ILE A 601 9.48 -16.00 -0.05
CA ILE A 601 10.74 -15.31 0.18
C ILE A 601 11.89 -16.28 -0.03
N GLY A 602 12.97 -15.80 -0.63
CA GLY A 602 14.08 -16.63 -1.02
C GLY A 602 15.22 -16.64 -0.01
N GLU A 603 16.34 -17.17 -0.44
CA GLU A 603 17.52 -17.28 0.41
C GLU A 603 18.06 -15.90 0.74
N PRO A 604 18.19 -15.55 2.03
CA PRO A 604 18.76 -14.24 2.38
C PRO A 604 20.26 -14.21 2.18
N ARG A 605 20.76 -13.02 1.85
CA ARG A 605 22.17 -12.79 1.62
C ARG A 605 22.64 -11.61 2.44
N LEU A 606 23.74 -11.79 3.16
CA LEU A 606 24.33 -10.71 3.96
C LEU A 606 25.24 -9.89 3.06
N VAL A 607 24.85 -8.66 2.77
CA VAL A 607 25.54 -7.85 1.77
C VAL A 607 26.45 -6.79 2.36
N GLU A 608 26.43 -6.60 3.67
CA GLU A 608 27.18 -5.50 4.27
C GLU A 608 27.74 -5.94 5.61
N MET A 609 29.06 -5.80 5.78
CA MET A 609 29.74 -6.30 6.96
C MET A 609 31.08 -5.59 7.09
N SER A 610 31.74 -5.82 8.22
CA SER A 610 33.06 -5.26 8.46
C SER A 610 34.12 -6.07 7.71
N GLU A 611 35.36 -5.58 7.76
CA GLU A 611 36.43 -6.23 7.02
C GLU A 611 36.85 -7.54 7.68
N LYS A 612 36.93 -7.58 9.02
CA LYS A 612 37.34 -8.80 9.71
C LYS A 612 36.28 -9.88 9.61
N LYS A 613 35.00 -9.49 9.54
CA LYS A 613 33.95 -10.46 9.30
C LYS A 613 34.06 -11.07 7.91
N ALA A 614 34.53 -10.29 6.93
CA ALA A 614 34.71 -10.81 5.58
C ALA A 614 35.83 -11.85 5.55
N LEU A 615 36.88 -11.68 6.38
CA LEU A 615 37.88 -12.73 6.51
C LEU A 615 37.29 -14.00 7.11
N LEU A 616 36.46 -13.86 8.14
CA LEU A 616 35.96 -15.03 8.84
C LEU A 616 34.88 -15.73 8.03
N LEU A 617 34.08 -14.98 7.28
CA LEU A 617 33.12 -15.58 6.37
C LEU A 617 33.73 -15.99 5.04
N ASN A 618 35.00 -15.64 4.80
CA ASN A 618 35.73 -15.97 3.58
C ASN A 618 34.98 -15.48 2.33
N GLU A 619 34.51 -14.24 2.37
CA GLU A 619 33.79 -13.67 1.24
C GLU A 619 34.78 -13.29 0.15
N LEU A 620 34.54 -13.76 -1.07
CA LEU A 620 35.48 -13.63 -2.17
C LEU A 620 34.99 -12.63 -3.22
N GLY A 621 33.98 -11.85 -2.91
CA GLY A 621 33.41 -10.90 -3.85
C GLY A 621 34.13 -9.58 -3.82
N GLY A 622 33.45 -8.56 -4.35
CA GLY A 622 33.99 -7.21 -4.40
C GLY A 622 33.20 -6.31 -3.44
N PHE A 623 33.93 -5.48 -2.70
CA PHE A 623 33.34 -4.64 -1.67
C PHE A 623 33.67 -3.18 -1.96
N THR A 624 32.69 -2.31 -1.78
CA THR A 624 32.89 -0.87 -1.77
C THR A 624 32.81 -0.37 -0.34
N ILE A 625 33.78 0.43 0.07
CA ILE A 625 33.80 0.93 1.43
C ILE A 625 32.69 1.97 1.58
N THR A 626 31.87 1.79 2.60
CA THR A 626 30.75 2.69 2.88
C THR A 626 31.18 3.71 3.92
N GLY A 627 30.65 4.93 3.81
CA GLY A 627 30.98 5.97 4.77
C GLY A 627 30.56 5.67 6.20
N LYS A 628 29.64 4.72 6.38
CA LYS A 628 29.17 4.36 7.70
C LYS A 628 30.27 3.67 8.51
N TYR A 629 30.19 3.83 9.82
CA TYR A 629 31.08 3.16 10.77
C TYR A 629 30.21 2.39 11.76
N LEU A 630 30.65 1.18 12.11
CA LEU A 630 29.91 0.36 13.05
C LEU A 630 30.89 -0.33 13.98
N PHE A 631 30.73 -0.12 15.29
CA PHE A 631 31.61 -0.65 16.33
C PHE A 631 33.07 -0.27 16.08
N GLY A 632 33.27 0.95 15.60
CA GLY A 632 34.62 1.48 15.44
C GLY A 632 35.38 0.96 14.25
N GLN A 633 34.73 0.30 13.31
CA GLN A 633 35.38 -0.27 12.14
C GLN A 633 34.69 0.22 10.88
N PRO A 634 35.44 0.38 9.78
CA PRO A 634 34.81 0.73 8.51
C PRO A 634 33.90 -0.38 8.03
N VAL A 635 32.80 0.00 7.39
CA VAL A 635 31.76 -0.92 6.95
C VAL A 635 31.86 -1.09 5.44
N PHE A 636 31.91 -2.34 4.98
CA PHE A 636 32.06 -2.67 3.58
C PHE A 636 30.75 -3.23 3.05
N ARG A 637 30.42 -2.92 1.80
CA ARG A 637 29.19 -3.39 1.18
C ARG A 637 29.49 -4.16 -0.09
N LYS A 638 28.83 -5.31 -0.24
CA LYS A 638 29.08 -6.18 -1.38
C LYS A 638 28.56 -5.58 -2.68
N VAL A 639 29.36 -5.73 -3.74
CA VAL A 639 28.99 -5.24 -5.06
C VAL A 639 28.09 -6.26 -5.73
N HIS A 640 26.93 -5.83 -6.20
CA HIS A 640 26.07 -6.71 -6.99
C HIS A 640 26.38 -6.54 -8.47
N ALA A 641 25.96 -7.53 -9.25
CA ALA A 641 26.19 -7.48 -10.70
C ALA A 641 25.39 -6.35 -11.36
N ARG A 642 24.20 -6.03 -10.84
CA ARG A 642 23.41 -4.97 -11.44
C ARG A 642 24.07 -3.60 -11.27
N GLU A 643 24.83 -3.42 -10.19
CA GLU A 643 25.51 -2.16 -9.94
C GLU A 643 26.80 -2.09 -10.74
N HIS A 644 27.10 -0.92 -11.29
CA HIS A 644 28.32 -0.68 -12.05
C HIS A 644 29.15 0.38 -11.36
N PRO A 645 30.12 0.01 -10.53
CA PRO A 645 30.92 1.00 -9.81
C PRO A 645 32.10 1.51 -10.63
N ILE A 646 32.91 2.37 -10.00
CA ILE A 646 34.06 2.98 -10.66
C ILE A 646 35.13 1.93 -10.98
N LEU A 647 35.14 0.81 -10.24
CA LEU A 647 36.02 -0.35 -10.30
C LEU A 647 37.39 -0.04 -9.70
N SER A 648 37.69 1.21 -9.36
CA SER A 648 38.75 1.52 -8.42
C SER A 648 38.22 1.66 -7.01
N THR A 649 36.91 1.92 -6.88
CA THR A 649 36.27 2.00 -5.57
C THR A 649 36.21 0.63 -4.90
N VAL A 650 36.09 -0.44 -5.68
CA VAL A 650 35.88 -1.77 -5.13
C VAL A 650 37.16 -2.29 -4.47
N ILE A 651 36.97 -3.12 -3.43
CA ILE A 651 38.06 -3.79 -2.73
C ILE A 651 37.71 -5.27 -2.71
N THR A 652 38.69 -6.11 -3.03
CA THR A 652 38.58 -7.54 -2.79
C THR A 652 39.29 -7.83 -1.47
N ILE A 653 38.49 -8.05 -0.41
CA ILE A 653 39.03 -8.19 0.94
C ILE A 653 39.84 -9.47 1.05
N ALA A 654 39.31 -10.58 0.51
CA ALA A 654 39.89 -11.94 0.42
C ALA A 654 41.26 -12.20 1.03
N PRO A 662 47.99 -22.18 6.06
CA PRO A 662 47.83 -23.14 7.16
C PRO A 662 47.22 -22.53 8.41
N LEU A 663 45.91 -22.68 8.56
CA LEU A 663 45.22 -22.14 9.72
C LEU A 663 45.53 -22.96 10.97
N THR A 664 45.51 -22.28 12.12
CA THR A 664 45.96 -22.85 13.38
C THR A 664 44.94 -23.77 14.03
N SER A 665 43.78 -23.97 13.40
CA SER A 665 42.67 -24.83 13.83
C SER A 665 41.92 -24.24 15.02
N LYS A 666 42.43 -23.15 15.58
CA LYS A 666 41.64 -22.30 16.47
C LYS A 666 40.97 -21.20 15.67
N GLU A 667 41.66 -20.67 14.66
CA GLU A 667 41.05 -19.72 13.75
C GLU A 667 40.01 -20.40 12.87
N GLU A 668 40.25 -21.67 12.50
CA GLU A 668 39.25 -22.45 11.78
C GLU A 668 37.98 -22.62 12.60
N GLU A 669 38.12 -22.86 13.90
CA GLU A 669 36.95 -22.90 14.78
C GLU A 669 36.28 -21.54 14.85
N GLU A 670 37.05 -20.46 14.76
CA GLU A 670 36.47 -19.12 14.77
C GLU A 670 35.61 -18.88 13.53
N ARG A 671 36.04 -19.38 12.37
CA ARG A 671 35.24 -19.23 11.16
C ARG A 671 33.95 -20.03 11.23
N ARG A 672 34.01 -21.25 11.79
CA ARG A 672 32.85 -22.13 11.78
C ARG A 672 31.71 -21.54 12.61
N ILE A 673 32.02 -20.95 13.76
CA ILE A 673 30.99 -20.25 14.55
C ILE A 673 30.50 -19.01 13.81
N ALA A 674 31.38 -18.33 13.08
CA ALA A 674 30.99 -17.12 12.36
C ALA A 674 29.96 -17.42 11.29
N GLU A 675 30.09 -18.57 10.61
CA GLU A 675 29.09 -18.97 9.62
C GLU A 675 27.80 -19.44 10.27
N MET A 676 27.80 -19.72 11.57
CA MET A 676 26.55 -20.09 12.23
C MET A 676 25.63 -18.90 12.42
N GLY A 677 26.13 -17.68 12.23
CA GLY A 677 25.36 -16.47 12.36
C GLY A 677 24.95 -15.80 11.07
N ARG A 678 25.07 -16.49 9.93
CA ARG A 678 24.65 -15.93 8.67
C ARG A 678 23.13 -16.01 8.56
N PRO A 679 22.50 -15.16 7.74
CA PRO A 679 21.04 -15.13 7.70
C PRO A 679 20.47 -16.41 7.10
N ILE A 680 19.38 -16.89 7.70
CA ILE A 680 18.67 -18.08 7.23
C ILE A 680 17.18 -17.79 7.24
N LEU A 681 16.42 -18.73 6.72
CA LEU A 681 14.97 -18.63 6.64
C LEU A 681 14.32 -19.33 7.82
N GLY A 682 13.13 -18.87 8.16
CA GLY A 682 12.43 -19.30 9.36
C GLY A 682 11.41 -20.38 9.10
N GLU A 683 10.41 -20.42 9.98
CA GLU A 683 9.39 -21.46 9.92
C GLU A 683 8.51 -21.32 8.68
N HIS A 684 8.01 -20.12 8.43
CA HIS A 684 7.07 -19.86 7.34
C HIS A 684 7.78 -19.06 6.26
N THR A 685 8.23 -19.74 5.21
CA THR A 685 8.84 -19.08 4.07
C THR A 685 7.87 -18.89 2.91
N LYS A 686 6.72 -19.55 2.93
CA LYS A 686 5.68 -19.37 1.92
C LYS A 686 4.39 -18.92 2.59
N LEU A 687 3.75 -17.93 2.00
CA LEU A 687 2.49 -17.38 2.48
C LEU A 687 1.41 -17.71 1.47
N GLU A 688 0.31 -18.30 1.94
CA GLU A 688 -0.86 -18.53 1.11
C GLU A 688 -1.87 -17.43 1.39
N VAL A 689 -2.20 -16.64 0.38
CA VAL A 689 -3.11 -15.52 0.53
C VAL A 689 -4.42 -15.90 -0.12
N ILE A 690 -5.50 -15.87 0.65
CA ILE A 690 -6.83 -16.22 0.16
C ILE A 690 -7.62 -14.93 0.00
N ILE A 691 -7.84 -14.54 -1.25
CA ILE A 691 -8.67 -13.39 -1.55
C ILE A 691 -10.13 -13.78 -1.43
N GLU A 692 -10.89 -13.01 -0.65
CA GLU A 692 -12.29 -13.28 -0.41
C GLU A 692 -13.12 -12.06 -0.77
N GLU A 693 -14.43 -12.25 -0.85
CA GLU A 693 -15.34 -11.17 -1.17
C GLU A 693 -15.44 -10.19 0.00
N SER A 694 -15.88 -8.97 -0.32
CA SER A 694 -16.06 -7.96 0.71
C SER A 694 -17.29 -8.26 1.55
N TYR A 695 -17.15 -8.15 2.87
CA TYR A 695 -18.31 -8.27 3.73
C TYR A 695 -19.23 -7.07 3.58
N GLU A 696 -18.65 -5.89 3.36
CA GLU A 696 -19.46 -4.68 3.20
C GLU A 696 -20.24 -4.72 1.89
N PHE A 697 -19.62 -5.19 0.82
CA PHE A 697 -20.33 -5.31 -0.46
C PHE A 697 -21.38 -6.40 -0.41
N LYS A 698 -21.04 -7.54 0.20
CA LYS A 698 -22.00 -8.65 0.31
C LYS A 698 -23.21 -8.24 1.13
N SER A 699 -23.00 -7.50 2.22
CA SER A 699 -24.11 -7.02 3.02
C SER A 699 -24.91 -5.95 2.29
N THR A 700 -24.23 -5.14 1.47
CA THR A 700 -24.94 -4.12 0.68
C THR A 700 -25.88 -4.76 -0.34
N VAL A 701 -25.42 -5.79 -1.03
CA VAL A 701 -26.28 -6.50 -1.98
C VAL A 701 -27.41 -7.19 -1.25
N ASP A 702 -27.14 -7.72 -0.05
CA ASP A 702 -28.19 -8.32 0.76
C ASP A 702 -29.24 -7.30 1.17
N LYS A 703 -28.83 -6.05 1.40
CA LYS A 703 -29.81 -4.99 1.66
C LYS A 703 -30.67 -4.73 0.42
N LEU A 704 -30.06 -4.78 -0.77
CA LEU A 704 -30.81 -4.53 -2.00
C LEU A 704 -31.86 -5.59 -2.24
N ILE A 705 -31.47 -6.88 -2.14
CA ILE A 705 -32.38 -7.96 -2.51
C ILE A 705 -33.59 -8.01 -1.59
N LYS A 706 -33.45 -7.54 -0.35
CA LYS A 706 -34.60 -7.50 0.54
C LYS A 706 -35.66 -6.51 0.06
N LYS A 707 -35.24 -5.34 -0.42
CA LYS A 707 -36.15 -4.29 -0.86
C LYS A 707 -35.72 -3.77 -2.24
N THR A 708 -36.11 -4.50 -3.28
CA THR A 708 -35.92 -4.08 -4.68
C THR A 708 -36.75 -4.97 -5.60
N ASN A 717 -42.36 -1.94 -18.60
CA ASN A 717 -43.07 -2.09 -17.35
C ASN A 717 -42.54 -1.03 -16.37
N SER A 718 -41.27 -0.65 -16.56
CA SER A 718 -40.68 0.41 -15.74
C SER A 718 -41.31 1.76 -16.05
N TRP A 719 -41.84 1.95 -17.26
CA TRP A 719 -42.68 3.11 -17.54
C TRP A 719 -43.90 3.14 -16.64
N ARG A 720 -44.58 1.99 -16.50
CA ARG A 720 -45.76 1.92 -15.66
C ARG A 720 -45.43 2.16 -14.19
N GLU A 721 -44.24 1.73 -13.75
CA GLU A 721 -43.86 1.90 -12.35
C GLU A 721 -43.73 3.37 -11.97
N GLN A 722 -43.23 4.20 -12.89
CA GLN A 722 -43.09 5.62 -12.61
C GLN A 722 -44.44 6.29 -12.37
N PHE A 723 -45.45 5.95 -13.18
CA PHE A 723 -46.77 6.54 -13.00
C PHE A 723 -47.45 6.02 -11.74
N ILE A 724 -47.24 4.75 -11.40
CA ILE A 724 -47.76 4.23 -10.14
C ILE A 724 -47.04 4.88 -8.96
N GLU A 725 -45.74 5.10 -9.08
CA GLU A 725 -45.00 5.79 -8.02
C GLU A 725 -45.34 7.27 -7.95
N ALA A 726 -45.81 7.86 -9.06
CA ALA A 726 -46.12 9.29 -9.07
C ALA A 726 -47.29 9.62 -8.14
N ILE A 727 -48.31 8.77 -8.12
CA ILE A 727 -49.50 9.00 -7.30
C ILE A 727 -49.59 7.90 -6.24
N THR A 728 -49.64 8.31 -4.98
CA THR A 728 -49.72 7.37 -3.87
C THR A 728 -50.69 7.87 -2.80
N SER A 747 -48.61 10.80 8.81
CA SER A 747 -48.72 10.72 7.35
C SER A 747 -49.35 11.98 6.79
N CYS A 748 -49.89 12.83 7.67
CA CYS A 748 -50.48 14.09 7.23
C CYS A 748 -49.44 15.01 6.59
N PHE A 749 -48.24 15.05 7.16
CA PHE A 749 -47.16 15.83 6.56
C PHE A 749 -46.79 15.27 5.19
N ASP A 750 -46.79 13.95 5.05
CA ASP A 750 -46.53 13.34 3.75
C ASP A 750 -47.62 13.69 2.74
N TYR A 751 -48.87 13.78 3.19
CA TYR A 751 -49.96 14.18 2.30
C TYR A 751 -49.78 15.59 1.78
N VAL A 752 -49.32 16.50 2.65
CA VAL A 752 -49.07 17.88 2.22
C VAL A 752 -48.01 17.91 1.12
N MET A 753 -46.92 17.18 1.32
CA MET A 753 -45.85 17.15 0.32
C MET A 753 -46.26 16.37 -0.93
N HIS A 754 -47.09 15.34 -0.78
CA HIS A 754 -47.52 14.57 -1.95
C HIS A 754 -48.42 15.40 -2.86
N PHE A 755 -49.41 16.07 -2.28
CA PHE A 755 -50.34 16.83 -3.10
C PHE A 755 -49.73 18.12 -3.63
N LEU A 756 -48.69 18.62 -2.98
CA LEU A 756 -47.98 19.78 -3.52
C LEU A 756 -47.24 19.43 -4.80
N THR A 757 -46.56 18.28 -4.81
CA THR A 757 -45.67 17.90 -5.90
C THR A 757 -46.29 16.87 -6.84
N VAL A 758 -47.57 16.57 -6.70
CA VAL A 758 -48.18 15.53 -7.53
C VAL A 758 -48.22 15.95 -9.00
N PHE A 759 -48.41 17.25 -9.26
CA PHE A 759 -48.38 17.73 -10.64
C PHE A 759 -46.99 17.55 -11.26
N TRP A 760 -45.94 17.81 -10.49
CA TRP A 760 -44.58 17.66 -11.01
C TRP A 760 -44.22 16.20 -11.19
N LYS A 761 -44.58 15.34 -10.24
CA LYS A 761 -44.21 13.93 -10.33
C LYS A 761 -44.89 13.24 -11.50
N VAL A 762 -46.15 13.57 -11.76
CA VAL A 762 -46.84 12.98 -12.91
C VAL A 762 -46.26 13.52 -14.21
N LEU A 763 -45.95 14.82 -14.26
CA LEU A 763 -45.37 15.42 -15.45
C LEU A 763 -43.98 14.85 -15.73
N PHE A 764 -43.18 14.64 -14.70
CA PHE A 764 -41.84 14.12 -14.86
C PHE A 764 -41.79 12.61 -14.90
N ALA A 765 -42.93 11.93 -14.80
CA ALA A 765 -42.98 10.51 -15.05
C ALA A 765 -42.99 10.18 -16.54
N PHE A 766 -43.12 11.19 -17.40
CA PHE A 766 -42.97 11.03 -18.83
C PHE A 766 -41.53 11.10 -19.28
N VAL A 767 -40.61 11.39 -18.36
CA VAL A 767 -39.19 11.26 -18.65
C VAL A 767 -38.85 9.79 -18.83
N PRO A 768 -38.06 9.41 -19.82
CA PRO A 768 -37.78 7.99 -20.04
C PRO A 768 -37.08 7.39 -18.83
N PRO A 769 -37.36 6.12 -18.54
CA PRO A 769 -36.67 5.47 -17.42
C PRO A 769 -35.17 5.41 -17.66
N THR A 770 -34.42 5.45 -16.57
CA THR A 770 -32.99 5.61 -16.66
C THR A 770 -32.31 4.39 -17.29
N GLU A 771 -32.98 3.24 -17.26
CA GLU A 771 -32.42 2.02 -17.83
C GLU A 771 -32.27 2.09 -19.35
N TYR A 772 -33.08 2.89 -20.03
CA TYR A 772 -32.98 2.99 -21.48
C TYR A 772 -31.75 3.80 -21.90
N TRP A 773 -31.09 3.32 -22.96
CA TRP A 773 -29.91 3.95 -23.58
C TRP A 773 -28.78 4.18 -22.58
N ASN A 774 -28.73 3.37 -21.53
CA ASN A 774 -27.71 3.46 -20.47
C ASN A 774 -27.71 4.88 -19.88
N GLY A 775 -28.88 5.33 -19.47
CA GLY A 775 -29.02 6.61 -18.81
C GLY A 775 -29.11 7.81 -19.73
N TRP A 776 -28.85 7.65 -21.02
CA TRP A 776 -28.85 8.79 -21.93
C TRP A 776 -30.25 9.23 -22.33
N ALA A 777 -31.22 8.32 -22.41
CA ALA A 777 -32.58 8.71 -22.72
C ALA A 777 -33.14 9.63 -21.65
N CYS A 778 -32.88 9.31 -20.37
CA CYS A 778 -33.28 10.21 -19.28
C CYS A 778 -32.47 11.49 -19.30
N PHE A 779 -31.22 11.44 -19.78
CA PHE A 779 -30.36 12.62 -19.71
C PHE A 779 -30.81 13.69 -20.68
N ILE A 780 -31.17 13.31 -21.91
CA ILE A 780 -31.56 14.30 -22.92
C ILE A 780 -32.85 15.01 -22.51
N VAL A 781 -33.83 14.24 -22.06
CA VAL A 781 -35.13 14.81 -21.75
C VAL A 781 -35.07 15.66 -20.47
N SER A 782 -34.27 15.23 -19.48
CA SER A 782 -34.19 15.97 -18.23
C SER A 782 -33.53 17.33 -18.42
N ILE A 783 -32.46 17.40 -19.21
CA ILE A 783 -31.77 18.68 -19.40
C ILE A 783 -32.64 19.63 -20.24
N LEU A 784 -33.51 19.09 -21.10
CA LEU A 784 -34.45 19.95 -21.82
C LEU A 784 -35.48 20.52 -20.87
N MET A 785 -36.01 19.72 -19.95
CA MET A 785 -36.99 20.22 -19.00
C MET A 785 -36.37 21.19 -18.01
N ILE A 786 -35.13 20.93 -17.57
CA ILE A 786 -34.44 21.91 -16.73
C ILE A 786 -34.28 23.23 -17.47
N GLY A 787 -33.92 23.17 -18.75
CA GLY A 787 -33.84 24.39 -19.54
C GLY A 787 -35.16 25.11 -19.66
N LEU A 788 -36.25 24.34 -19.73
CA LEU A 788 -37.58 24.96 -19.85
C LEU A 788 -38.00 25.63 -18.53
N LEU A 789 -37.79 24.97 -17.40
CA LEU A 789 -38.21 25.54 -16.12
C LEU A 789 -37.32 26.67 -15.63
N THR A 790 -36.06 26.74 -16.05
CA THR A 790 -35.26 27.93 -15.76
C THR A 790 -35.44 29.04 -16.78
N ALA A 791 -36.15 28.78 -17.89
CA ALA A 791 -36.64 29.88 -18.70
C ALA A 791 -37.79 30.58 -18.02
N PHE A 792 -38.68 29.82 -17.36
CA PHE A 792 -39.78 30.41 -16.61
C PHE A 792 -39.28 31.12 -15.35
N ILE A 793 -38.29 30.54 -14.67
CA ILE A 793 -37.76 31.13 -13.45
C ILE A 793 -37.09 32.46 -13.76
N GLY A 794 -36.38 32.54 -14.88
CA GLY A 794 -35.81 33.81 -15.32
C GLY A 794 -36.86 34.86 -15.57
N ASP A 795 -38.02 34.46 -16.08
CA ASP A 795 -39.11 35.40 -16.30
C ASP A 795 -39.84 35.74 -15.01
N LEU A 796 -40.15 34.72 -14.21
CA LEU A 796 -40.90 34.95 -12.97
C LEU A 796 -40.12 35.81 -11.99
N ALA A 797 -38.80 35.58 -11.89
CA ALA A 797 -37.98 36.43 -11.04
C ALA A 797 -37.82 37.82 -11.62
N SER A 798 -37.78 37.95 -12.94
CA SER A 798 -37.64 39.27 -13.56
C SER A 798 -38.88 40.13 -13.34
N HIS A 799 -40.06 39.56 -13.58
CA HIS A 799 -41.29 40.33 -13.42
C HIS A 799 -41.65 40.53 -11.95
N PHE A 800 -41.21 39.64 -11.05
CA PHE A 800 -41.46 39.85 -9.63
C PHE A 800 -40.73 41.08 -9.12
N GLY A 801 -39.48 41.25 -9.53
CA GLY A 801 -38.69 42.37 -9.03
C GLY A 801 -39.21 43.72 -9.49
N CYS A 802 -39.54 43.84 -10.77
CA CYS A 802 -39.97 45.13 -11.28
C CYS A 802 -41.40 45.48 -10.90
N THR A 803 -42.19 44.50 -10.46
CA THR A 803 -43.54 44.80 -9.98
C THR A 803 -43.49 45.56 -8.66
N ILE A 804 -42.64 45.12 -7.73
CA ILE A 804 -42.51 45.79 -6.44
C ILE A 804 -41.31 46.71 -6.38
N GLY A 805 -40.58 46.88 -7.48
CA GLY A 805 -39.42 47.74 -7.49
C GLY A 805 -38.13 47.09 -7.03
N LEU A 806 -38.15 45.79 -6.74
CA LEU A 806 -36.94 45.09 -6.32
C LEU A 806 -35.98 44.95 -7.49
N LYS A 807 -34.69 45.11 -7.21
CA LYS A 807 -33.68 45.04 -8.25
C LYS A 807 -33.42 43.58 -8.64
N ASP A 808 -32.97 43.39 -9.88
CA ASP A 808 -32.62 42.04 -10.32
C ASP A 808 -31.39 41.52 -9.59
N SER A 809 -30.53 42.41 -9.11
CA SER A 809 -29.40 41.98 -8.28
C SER A 809 -29.89 41.38 -6.97
N VAL A 810 -30.87 42.02 -6.33
CA VAL A 810 -31.34 41.59 -5.02
C VAL A 810 -32.17 40.33 -5.13
N THR A 811 -33.08 40.26 -6.11
CA THR A 811 -33.95 39.10 -6.22
C THR A 811 -33.20 37.85 -6.66
N ALA A 812 -32.05 38.00 -7.34
CA ALA A 812 -31.25 36.85 -7.70
C ALA A 812 -30.45 36.32 -6.51
N VAL A 813 -29.92 37.23 -5.68
CA VAL A 813 -29.07 36.81 -4.57
C VAL A 813 -29.91 36.13 -3.48
N VAL A 814 -31.07 36.70 -3.16
CA VAL A 814 -31.85 36.18 -2.04
C VAL A 814 -32.68 34.98 -2.47
N PHE A 815 -33.44 35.10 -3.56
CA PHE A 815 -34.43 34.10 -3.92
C PHE A 815 -33.93 33.07 -4.93
N VAL A 816 -33.43 33.52 -6.08
CA VAL A 816 -33.07 32.59 -7.14
C VAL A 816 -31.85 31.77 -6.75
N ALA A 817 -30.89 32.39 -6.05
CA ALA A 817 -29.69 31.66 -5.63
C ALA A 817 -30.03 30.56 -4.65
N LEU A 818 -30.94 30.81 -3.71
CA LEU A 818 -31.34 29.79 -2.75
C LEU A 818 -32.13 28.68 -3.43
N GLY A 819 -32.99 29.04 -4.38
CA GLY A 819 -33.87 28.06 -4.97
C GLY A 819 -33.20 27.10 -5.94
N THR A 820 -32.15 27.56 -6.63
CA THR A 820 -31.44 26.72 -7.57
C THR A 820 -30.33 25.90 -6.92
N SER A 821 -30.00 26.15 -5.65
CA SER A 821 -29.03 25.36 -4.92
C SER A 821 -29.66 24.28 -4.06
N VAL A 822 -30.97 24.06 -4.20
CA VAL A 822 -31.61 22.94 -3.51
C VAL A 822 -31.07 21.60 -4.01
N PRO A 823 -30.84 21.37 -5.31
CA PRO A 823 -30.13 20.14 -5.71
C PRO A 823 -28.74 19.99 -5.12
N ASP A 824 -28.00 21.08 -4.94
CA ASP A 824 -26.65 20.98 -4.38
C ASP A 824 -26.68 20.66 -2.89
N THR A 825 -27.72 21.10 -2.19
CA THR A 825 -27.78 20.95 -0.75
C THR A 825 -27.99 19.49 -0.35
N PHE A 826 -28.89 18.79 -1.05
CA PHE A 826 -29.16 17.40 -0.73
C PHE A 826 -28.02 16.48 -1.15
N ALA A 827 -27.32 16.82 -2.23
CA ALA A 827 -26.16 16.03 -2.64
C ALA A 827 -25.05 16.10 -1.61
N SER A 828 -24.81 17.28 -1.05
CA SER A 828 -23.78 17.44 -0.03
C SER A 828 -24.21 16.84 1.30
N LYS A 829 -25.50 16.95 1.62
CA LYS A 829 -25.99 16.46 2.92
C LYS A 829 -25.89 14.94 3.02
N VAL A 830 -26.23 14.23 1.93
CA VAL A 830 -26.14 12.77 1.93
C VAL A 830 -24.69 12.31 2.07
N ALA A 831 -23.79 12.96 1.34
CA ALA A 831 -22.37 12.59 1.43
C ALA A 831 -21.78 12.96 2.78
N ALA A 832 -22.32 13.97 3.45
CA ALA A 832 -21.82 14.32 4.78
C ALA A 832 -22.14 13.23 5.79
N THR A 833 -23.35 12.68 5.72
CA THR A 833 -23.79 11.69 6.70
C THR A 833 -23.31 10.28 6.34
N GLN A 834 -23.55 9.86 5.10
CA GLN A 834 -23.36 8.46 4.73
C GLN A 834 -21.89 8.08 4.55
N ASP A 835 -21.03 9.04 4.20
CA ASP A 835 -19.61 8.76 4.01
C ASP A 835 -18.88 8.65 5.34
N GLN A 836 -17.56 8.49 5.24
CA GLN A 836 -16.68 8.50 6.39
C GLN A 836 -15.82 9.76 6.48
N TYR A 837 -15.58 10.43 5.35
CA TYR A 837 -14.80 11.65 5.30
C TYR A 837 -15.67 12.82 4.85
N ALA A 838 -15.07 14.00 4.85
CA ALA A 838 -15.74 15.23 4.42
C ALA A 838 -15.31 15.69 3.04
N ASP A 839 -14.58 14.85 2.30
CA ASP A 839 -14.10 15.25 0.99
C ASP A 839 -15.25 15.42 0.00
N ALA A 840 -16.16 14.45 -0.06
CA ALA A 840 -17.22 14.49 -1.05
C ALA A 840 -18.24 15.57 -0.74
N SER A 841 -18.53 15.79 0.54
CA SER A 841 -19.52 16.79 0.93
C SER A 841 -19.01 18.20 0.65
N ILE A 842 -17.78 18.50 1.07
CA ILE A 842 -17.22 19.83 0.86
C ILE A 842 -16.83 20.01 -0.61
N GLY A 843 -16.33 18.96 -1.25
CA GLY A 843 -15.93 19.06 -2.64
C GLY A 843 -17.08 19.35 -3.59
N ASN A 844 -18.28 18.88 -3.25
CA ASN A 844 -19.46 19.22 -4.05
C ASN A 844 -19.76 20.71 -3.98
N VAL A 845 -19.53 21.33 -2.82
CA VAL A 845 -19.67 22.77 -2.71
C VAL A 845 -18.61 23.49 -3.53
N THR A 846 -17.36 23.05 -3.43
CA THR A 846 -16.28 23.65 -4.19
C THR A 846 -16.44 23.40 -5.68
N GLY A 847 -16.83 22.17 -6.05
CA GLY A 847 -17.01 21.86 -7.46
C GLY A 847 -18.16 22.62 -8.08
N SER A 848 -19.23 22.85 -7.31
CA SER A 848 -20.36 23.63 -7.80
C SER A 848 -19.95 25.09 -8.04
N ASN A 849 -19.17 25.66 -7.12
CA ASN A 849 -18.81 27.07 -7.20
C ASN A 849 -17.94 27.35 -8.41
N ALA A 850 -17.02 26.43 -8.74
CA ALA A 850 -16.15 26.63 -9.88
C ALA A 850 -16.93 26.57 -11.20
N VAL A 851 -17.73 25.52 -11.39
CA VAL A 851 -18.42 25.34 -12.66
C VAL A 851 -19.50 26.40 -12.87
N ASN A 852 -19.98 27.02 -11.80
CA ASN A 852 -20.95 28.10 -11.94
C ASN A 852 -20.35 29.28 -12.70
N VAL A 853 -19.11 29.64 -12.38
CA VAL A 853 -18.45 30.76 -13.05
C VAL A 853 -17.97 30.33 -14.43
N PHE A 854 -17.27 29.20 -14.51
CA PHE A 854 -16.57 28.84 -15.74
C PHE A 854 -17.54 28.46 -16.85
N LEU A 855 -18.61 27.75 -16.52
CA LEU A 855 -19.59 27.47 -17.56
C LEU A 855 -20.75 28.46 -17.56
N GLY A 856 -21.27 28.82 -16.38
CA GLY A 856 -22.42 29.72 -16.34
C GLY A 856 -22.10 31.10 -16.89
N ILE A 857 -20.99 31.67 -16.45
CA ILE A 857 -20.57 32.98 -16.93
C ILE A 857 -19.61 32.86 -18.11
N GLY A 858 -18.80 31.80 -18.14
CA GLY A 858 -17.88 31.63 -19.24
C GLY A 858 -18.56 31.41 -20.58
N VAL A 859 -19.56 30.53 -20.61
CA VAL A 859 -20.28 30.28 -21.86
C VAL A 859 -21.17 31.46 -22.24
N ALA A 860 -21.90 32.01 -21.26
CA ALA A 860 -22.85 33.08 -21.55
C ALA A 860 -22.15 34.33 -22.06
N TRP A 861 -21.01 34.67 -21.46
CA TRP A 861 -20.26 35.84 -21.89
C TRP A 861 -19.36 35.56 -23.09
N SER A 862 -19.08 34.29 -23.39
CA SER A 862 -18.41 33.96 -24.65
C SER A 862 -19.34 34.13 -25.82
N ILE A 863 -20.59 33.69 -25.68
CA ILE A 863 -21.57 33.83 -26.74
C ILE A 863 -21.87 35.30 -27.00
N ALA A 864 -22.00 36.09 -25.92
CA ALA A 864 -22.33 37.50 -26.08
C ALA A 864 -21.17 38.30 -26.64
N ALA A 865 -19.95 38.02 -26.19
CA ALA A 865 -18.79 38.78 -26.68
C ALA A 865 -18.51 38.48 -28.15
N ILE A 866 -18.65 37.21 -28.54
CA ILE A 866 -18.45 36.84 -29.93
C ILE A 866 -19.52 37.46 -30.82
N TYR A 867 -20.77 37.47 -30.35
CA TYR A 867 -21.86 38.05 -31.14
C TYR A 867 -21.66 39.54 -31.37
N HIS A 868 -21.26 40.27 -30.33
CA HIS A 868 -21.00 41.69 -30.50
C HIS A 868 -19.73 41.95 -31.32
N ALA A 869 -18.74 41.05 -31.23
CA ALA A 869 -17.52 41.22 -32.01
C ALA A 869 -17.79 41.03 -33.49
N ALA A 870 -18.71 40.14 -33.86
CA ALA A 870 -19.08 39.99 -35.27
C ALA A 870 -19.71 41.25 -35.81
N ASN A 871 -20.31 42.07 -34.96
CA ASN A 871 -20.87 43.35 -35.34
C ASN A 871 -19.91 44.50 -35.16
N GLY A 872 -18.64 44.21 -34.82
CA GLY A 872 -17.65 45.25 -34.58
C GLY A 872 -17.96 46.11 -33.37
N GLU A 873 -18.50 45.50 -32.32
CA GLU A 873 -19.01 46.22 -31.16
C GLU A 873 -18.49 45.55 -29.91
N GLN A 874 -18.34 46.33 -28.85
CA GLN A 874 -17.89 45.79 -27.58
C GLN A 874 -19.07 45.25 -26.77
N PHE A 875 -18.77 44.35 -25.85
CA PHE A 875 -19.77 43.78 -24.95
C PHE A 875 -19.55 44.41 -23.58
N LYS A 876 -20.50 45.24 -23.16
CA LYS A 876 -20.34 46.08 -21.98
C LYS A 876 -21.14 45.50 -20.83
N VAL A 877 -20.46 45.19 -19.73
CA VAL A 877 -21.08 44.71 -18.51
C VAL A 877 -20.73 45.69 -17.40
N SER A 878 -21.75 46.20 -16.72
CA SER A 878 -21.51 47.20 -15.69
C SER A 878 -20.84 46.56 -14.49
N PRO A 879 -19.63 46.97 -14.12
CA PRO A 879 -18.90 46.23 -13.07
C PRO A 879 -19.36 46.52 -11.66
N GLY A 880 -20.02 47.65 -11.43
CA GLY A 880 -20.23 48.11 -10.07
C GLY A 880 -21.09 47.17 -9.23
N THR A 881 -22.14 46.61 -9.82
CA THR A 881 -23.01 45.71 -9.08
C THR A 881 -22.29 44.42 -8.71
N LEU A 882 -21.55 43.84 -9.65
CA LEU A 882 -20.86 42.58 -9.41
C LEU A 882 -19.54 42.75 -8.68
N ALA A 883 -18.94 43.94 -8.70
CA ALA A 883 -17.63 44.12 -8.07
C ALA A 883 -17.71 43.94 -6.56
N PHE A 884 -18.69 44.58 -5.91
CA PHE A 884 -18.75 44.50 -4.46
C PHE A 884 -19.20 43.12 -4.00
N SER A 885 -20.01 42.43 -4.79
CA SER A 885 -20.47 41.10 -4.41
C SER A 885 -19.33 40.09 -4.38
N VAL A 886 -18.44 40.11 -5.38
CA VAL A 886 -17.40 39.10 -5.47
C VAL A 886 -16.32 39.34 -4.42
N THR A 887 -16.01 40.61 -4.11
CA THR A 887 -15.03 40.86 -3.06
C THR A 887 -15.60 40.55 -1.68
N LEU A 888 -16.89 40.79 -1.47
CA LEU A 888 -17.51 40.41 -0.21
C LEU A 888 -17.53 38.90 -0.04
N PHE A 889 -17.65 38.16 -1.14
CA PHE A 889 -17.64 36.71 -1.05
C PHE A 889 -16.26 36.19 -0.68
N THR A 890 -15.21 36.69 -1.35
CA THR A 890 -13.85 36.18 -1.10
C THR A 890 -13.38 36.50 0.31
N ILE A 891 -13.72 37.68 0.82
CA ILE A 891 -13.40 38.00 2.22
C ILE A 891 -14.12 37.04 3.15
N PHE A 892 -15.39 36.77 2.86
CA PHE A 892 -16.16 35.85 3.69
C PHE A 892 -15.76 34.40 3.45
N ALA A 893 -15.22 34.09 2.26
CA ALA A 893 -14.83 32.71 1.97
C ALA A 893 -13.57 32.32 2.72
N PHE A 894 -12.62 33.25 2.87
CA PHE A 894 -11.40 32.95 3.62
C PHE A 894 -11.72 32.71 5.09
N ILE A 895 -12.69 33.43 5.63
CA ILE A 895 -13.15 33.16 7.00
C ILE A 895 -13.74 31.77 7.09
N ASN A 896 -14.56 31.39 6.10
CA ASN A 896 -15.14 30.04 6.10
C ASN A 896 -14.06 28.97 5.94
N VAL A 897 -13.11 29.17 5.04
CA VAL A 897 -12.03 28.20 4.89
C VAL A 897 -11.14 28.19 6.11
N GLY A 898 -10.92 29.35 6.73
CA GLY A 898 -10.09 29.41 7.93
C GLY A 898 -10.71 28.68 9.11
N VAL A 899 -12.03 28.81 9.30
CA VAL A 899 -12.69 28.10 10.39
C VAL A 899 -12.70 26.60 10.13
N LEU A 900 -12.91 26.20 8.87
CA LEU A 900 -12.90 24.76 8.56
C LEU A 900 -11.53 24.14 8.83
N LEU A 901 -10.45 24.86 8.54
CA LEU A 901 -9.13 24.37 8.87
C LEU A 901 -8.86 24.40 10.37
N TYR A 902 -9.52 25.29 11.11
CA TYR A 902 -9.34 25.36 12.55
C TYR A 902 -10.04 24.22 13.28
N ARG A 903 -11.05 23.62 12.66
CA ARG A 903 -11.73 22.47 13.26
C ARG A 903 -10.99 21.16 13.04
N ARG A 904 -9.74 21.22 12.58
CA ARG A 904 -8.90 20.03 12.45
C ARG A 904 -8.11 19.74 13.71
N ARG A 905 -8.23 20.58 14.73
CA ARG A 905 -7.55 20.32 15.98
C ARG A 905 -8.18 19.14 16.70
N PRO A 906 -7.40 18.41 17.50
CA PRO A 906 -7.96 17.23 18.19
C PRO A 906 -9.06 17.56 19.18
N GLU A 907 -9.17 18.82 19.62
CA GLU A 907 -10.28 19.21 20.48
C GLU A 907 -11.60 19.12 19.74
N ILE A 908 -11.61 19.40 18.44
CA ILE A 908 -12.81 19.32 17.62
C ILE A 908 -12.80 18.02 16.84
N GLY A 909 -11.75 17.81 16.02
CA GLY A 909 -11.50 16.54 15.38
C GLY A 909 -11.75 16.49 13.89
N GLY A 910 -12.57 17.39 13.36
CA GLY A 910 -12.85 17.34 11.93
C GLY A 910 -13.70 18.52 11.49
N GLU A 911 -13.81 18.65 10.16
CA GLU A 911 -14.60 19.73 9.58
C GLU A 911 -16.07 19.63 9.96
N LEU A 912 -16.62 18.44 9.93
CA LEU A 912 -18.05 18.23 10.16
C LEU A 912 -18.27 17.51 11.47
N GLY A 913 -19.45 17.71 12.05
CA GLY A 913 -19.79 17.06 13.30
C GLY A 913 -18.97 17.62 14.44
N GLY A 914 -18.41 16.73 15.26
CA GLY A 914 -17.59 17.13 16.38
C GLY A 914 -18.41 17.41 17.63
N PRO A 915 -17.78 18.09 18.60
CA PRO A 915 -18.50 18.43 19.83
C PRO A 915 -19.72 19.30 19.56
N ARG A 916 -20.78 19.05 20.33
CA ARG A 916 -22.07 19.68 20.08
C ARG A 916 -22.03 21.18 20.30
N THR A 917 -21.28 21.64 21.31
CA THR A 917 -21.20 23.08 21.55
C THR A 917 -20.41 23.79 20.46
N ALA A 918 -19.37 23.15 19.91
CA ALA A 918 -18.65 23.73 18.79
C ALA A 918 -19.41 23.54 17.49
N LYS A 919 -20.27 22.52 17.44
CA LYS A 919 -21.06 22.24 16.25
C LYS A 919 -22.07 23.36 15.97
N LEU A 920 -22.71 23.89 17.01
CA LEU A 920 -23.66 24.98 16.81
C LEU A 920 -22.95 26.29 16.48
N LEU A 921 -21.80 26.54 17.11
CA LEU A 921 -21.09 27.80 16.87
C LEU A 921 -20.59 27.90 15.44
N THR A 922 -20.09 26.80 14.88
CA THR A 922 -19.68 26.80 13.48
C THR A 922 -20.87 26.98 12.56
N SER A 923 -21.99 26.33 12.87
CA SER A 923 -23.18 26.46 12.03
C SER A 923 -23.76 27.87 12.13
N CYS A 924 -23.87 28.41 13.34
CA CYS A 924 -24.44 29.75 13.51
C CYS A 924 -23.56 30.83 12.92
N LEU A 925 -22.24 30.66 12.97
CA LEU A 925 -21.34 31.63 12.34
C LEU A 925 -21.53 31.67 10.84
N PHE A 926 -21.66 30.50 10.20
CA PHE A 926 -21.73 30.45 8.74
C PHE A 926 -23.08 30.94 8.24
N VAL A 927 -24.14 30.69 8.99
CA VAL A 927 -25.44 31.28 8.67
C VAL A 927 -25.39 32.79 8.87
N LEU A 928 -24.64 33.25 9.88
CA LEU A 928 -24.46 34.68 10.10
C LEU A 928 -23.69 35.32 8.94
N LEU A 929 -22.70 34.61 8.39
CA LEU A 929 -21.96 35.14 7.25
C LEU A 929 -22.85 35.30 6.03
N TRP A 930 -23.79 34.37 5.83
CA TRP A 930 -24.70 34.48 4.70
C TRP A 930 -25.68 35.63 4.89
N LEU A 931 -26.22 35.78 6.10
CA LEU A 931 -27.13 36.90 6.37
C LEU A 931 -26.42 38.23 6.24
N LEU A 932 -25.15 38.29 6.66
CA LEU A 932 -24.39 39.51 6.48
C LEU A 932 -24.11 39.79 5.01
N TYR A 933 -23.89 38.74 4.22
CA TYR A 933 -23.58 38.91 2.80
C TYR A 933 -24.78 39.47 2.04
N ILE A 934 -25.95 38.83 2.21
CA ILE A 934 -27.11 39.22 1.43
C ILE A 934 -27.66 40.57 1.90
N PHE A 935 -27.36 40.96 3.14
CA PHE A 935 -27.84 42.25 3.62
C PHE A 935 -26.91 43.38 3.14
N PHE A 936 -25.60 43.16 3.18
CA PHE A 936 -24.67 44.17 2.67
C PHE A 936 -24.76 44.30 1.16
N SER A 937 -24.94 43.18 0.45
CA SER A 937 -25.04 43.22 -1.01
C SER A 937 -26.31 43.94 -1.44
N SER A 938 -27.40 43.75 -0.70
CA SER A 938 -28.64 44.44 -1.01
C SER A 938 -28.50 45.95 -0.83
N LEU A 939 -27.77 46.38 0.20
CA LEU A 939 -27.59 47.81 0.42
C LEU A 939 -26.69 48.43 -0.64
N GLU A 940 -25.62 47.74 -1.04
CA GLU A 940 -24.74 48.28 -2.07
C GLU A 940 -25.45 48.36 -3.41
N ALA A 941 -26.45 47.54 -3.60
CA ALA A 941 -27.24 47.54 -4.83
C ALA A 941 -28.03 48.79 -4.86
N TYR A 942 -28.47 49.24 -3.71
CA TYR A 942 -29.29 50.42 -3.56
C TYR A 942 -28.50 51.60 -3.10
N CYS A 943 -27.19 51.53 -3.29
CA CYS A 943 -26.31 52.63 -2.97
C CYS A 943 -26.44 53.13 -1.56
N HIS A 944 -26.36 52.21 -0.61
CA HIS A 944 -26.33 52.54 0.81
C HIS A 944 -25.00 52.09 1.35
N ILE A 945 -23.99 52.02 0.49
CA ILE A 945 -22.60 51.61 0.77
C ILE A 945 -22.37 50.13 1.12
N GLN B 1 24.65 -34.60 9.08
CA GLN B 1 24.90 -35.83 9.82
C GLN B 1 23.78 -36.83 9.60
N ALA B 2 22.65 -36.35 9.09
CA ALA B 2 21.49 -37.19 8.88
C ALA B 2 21.73 -38.13 7.69
N VAL B 3 21.01 -39.25 7.70
CA VAL B 3 21.09 -40.25 6.64
C VAL B 3 19.69 -40.43 6.07
N VAL B 4 19.55 -40.23 4.77
CA VAL B 4 18.29 -40.41 4.06
C VAL B 4 18.30 -41.79 3.44
N THR B 5 17.24 -42.56 3.68
CA THR B 5 17.17 -43.96 3.29
C THR B 5 16.03 -44.17 2.31
N GLN B 6 16.30 -44.92 1.25
CA GLN B 6 15.30 -45.31 0.26
C GLN B 6 15.40 -46.81 0.01
N GLU B 7 14.36 -47.35 -0.64
CA GLU B 7 14.41 -48.73 -1.07
C GLU B 7 15.45 -48.89 -2.17
N SER B 8 16.07 -50.08 -2.23
CA SER B 8 17.14 -50.31 -3.18
C SER B 8 16.64 -50.23 -4.62
N ALA B 9 15.48 -50.83 -4.90
CA ALA B 9 14.94 -50.81 -6.25
C ALA B 9 13.43 -51.00 -6.17
N LEU B 10 12.76 -50.63 -7.26
CA LEU B 10 11.34 -50.87 -7.43
C LEU B 10 11.11 -51.42 -8.83
N THR B 11 10.16 -52.34 -8.94
CA THR B 11 9.87 -53.00 -10.21
C THR B 11 8.37 -52.95 -10.47
N THR B 12 7.99 -52.35 -11.60
CA THR B 12 6.60 -52.22 -11.99
C THR B 12 6.45 -52.49 -13.48
N SER B 13 5.23 -52.59 -13.91
CA SER B 13 4.74 -52.75 -15.26
C SER B 13 4.17 -51.44 -15.78
N PRO B 14 4.16 -51.23 -17.10
CA PRO B 14 3.61 -49.98 -17.64
C PRO B 14 2.13 -49.83 -17.31
N GLY B 15 1.73 -48.58 -17.04
CA GLY B 15 0.35 -48.26 -16.74
C GLY B 15 -0.03 -48.35 -15.28
N GLU B 16 0.85 -48.89 -14.45
CA GLU B 16 0.58 -49.02 -13.02
C GLU B 16 1.01 -47.78 -12.24
N THR B 17 0.78 -47.82 -10.94
CA THR B 17 1.14 -46.71 -10.05
C THR B 17 2.17 -47.20 -9.04
N VAL B 18 3.23 -46.41 -8.86
CA VAL B 18 4.31 -46.76 -7.94
C VAL B 18 4.53 -45.61 -6.97
N THR B 19 4.95 -45.96 -5.75
CA THR B 19 5.22 -45.00 -4.70
C THR B 19 6.64 -45.20 -4.18
N LEU B 20 7.39 -44.11 -4.07
CA LEU B 20 8.79 -44.10 -3.70
C LEU B 20 8.94 -43.32 -2.40
N THR B 21 9.73 -43.84 -1.47
CA THR B 21 9.75 -43.33 -0.10
C THR B 21 11.07 -42.66 0.24
N CYS B 22 10.98 -41.55 0.96
CA CYS B 22 12.11 -40.77 1.45
C CYS B 22 12.01 -40.67 2.95
N ARG B 23 12.89 -41.36 3.66
CA ARG B 23 12.88 -41.42 5.12
C ARG B 23 14.06 -40.65 5.68
N SER B 24 13.83 -39.91 6.76
CA SER B 24 14.87 -39.12 7.41
C SER B 24 15.30 -39.80 8.70
N SER B 25 16.61 -39.79 8.96
CA SER B 25 17.15 -40.45 10.15
C SER B 25 16.73 -39.73 11.42
N THR B 26 16.73 -38.40 11.41
CA THR B 26 16.49 -37.64 12.64
C THR B 26 15.04 -37.71 13.09
N GLY B 27 14.11 -38.06 12.21
CA GLY B 27 12.73 -38.15 12.63
C GLY B 27 11.74 -38.22 11.49
N ALA B 28 10.73 -37.36 11.55
CA ALA B 28 9.68 -37.31 10.55
C ALA B 28 9.96 -36.20 9.55
N VAL B 29 9.79 -36.50 8.26
CA VAL B 29 9.98 -35.50 7.22
C VAL B 29 8.85 -34.49 7.30
N THR B 30 9.20 -33.22 7.34
CA THR B 30 8.25 -32.13 7.49
C THR B 30 8.26 -31.26 6.24
N THR B 31 7.52 -30.16 6.29
CA THR B 31 7.53 -29.19 5.20
C THR B 31 8.73 -28.26 5.27
N SER B 32 9.49 -28.29 6.36
CA SER B 32 10.72 -27.54 6.47
C SER B 32 11.93 -28.32 5.96
N ASN B 33 11.72 -29.55 5.50
CA ASN B 33 12.79 -30.32 4.87
C ASN B 33 12.83 -30.13 3.36
N TYR B 34 11.76 -29.59 2.76
CA TYR B 34 11.69 -29.26 1.35
C TYR B 34 12.14 -30.42 0.47
N ALA B 35 11.37 -31.49 0.49
CA ALA B 35 11.77 -32.72 -0.17
C ALA B 35 11.83 -32.52 -1.68
N ASN B 36 13.01 -32.72 -2.25
CA ASN B 36 13.23 -32.65 -3.69
C ASN B 36 13.38 -34.06 -4.25
N TRP B 37 12.76 -34.30 -5.39
CA TRP B 37 12.91 -35.54 -6.14
C TRP B 37 13.52 -35.22 -7.49
N VAL B 38 14.64 -35.87 -7.80
CA VAL B 38 15.34 -35.70 -9.07
C VAL B 38 15.51 -37.07 -9.71
N GLN B 39 15.73 -37.06 -11.01
CA GLN B 39 15.74 -38.27 -11.83
C GLN B 39 17.03 -38.38 -12.62
N GLU B 40 17.66 -39.55 -12.57
CA GLU B 40 18.86 -39.84 -13.33
C GLU B 40 18.53 -40.89 -14.38
N LYS B 41 18.56 -40.47 -15.64
CA LYS B 41 18.43 -41.37 -16.77
C LYS B 41 19.78 -42.04 -17.03
N PRO B 42 19.81 -43.10 -17.86
CA PRO B 42 21.10 -43.71 -18.21
C PRO B 42 22.05 -42.73 -18.88
N ASP B 43 23.35 -42.96 -18.65
CA ASP B 43 24.44 -42.12 -19.14
C ASP B 43 24.42 -40.72 -18.53
N HIS B 44 24.09 -40.65 -17.24
CA HIS B 44 24.28 -39.45 -16.41
C HIS B 44 23.46 -38.26 -16.89
N LEU B 45 22.20 -38.50 -17.25
CA LEU B 45 21.26 -37.42 -17.58
C LEU B 45 20.39 -37.16 -16.35
N PHE B 46 20.57 -36.00 -15.73
CA PHE B 46 19.88 -35.65 -14.51
C PHE B 46 18.80 -34.61 -14.79
N THR B 47 17.63 -34.83 -14.17
CA THR B 47 16.49 -33.94 -14.34
C THR B 47 15.88 -33.68 -12.97
N GLY B 48 15.56 -32.42 -12.70
CA GLY B 48 14.88 -32.07 -11.47
C GLY B 48 13.38 -32.17 -11.63
N LEU B 49 12.75 -33.04 -10.86
CA LEU B 49 11.32 -33.32 -11.04
C LEU B 49 10.45 -32.49 -10.11
N ILE B 50 10.61 -32.67 -8.80
CA ILE B 50 9.77 -32.01 -7.79
C ILE B 50 10.64 -31.31 -6.77
N GLY B 51 10.25 -30.09 -6.39
CA GLY B 51 10.89 -29.41 -5.30
C GLY B 51 9.84 -28.87 -4.34
N GLY B 52 10.28 -28.67 -3.09
CA GLY B 52 9.40 -28.14 -2.07
C GLY B 52 8.28 -29.08 -1.65
N THR B 53 8.46 -30.38 -1.88
CA THR B 53 7.62 -31.50 -1.44
C THR B 53 6.32 -31.58 -2.25
N ASN B 54 5.97 -30.51 -2.94
CA ASN B 54 4.76 -30.51 -3.75
C ASN B 54 4.97 -29.96 -5.14
N ASN B 55 5.79 -28.92 -5.29
CA ASN B 55 5.85 -28.18 -6.54
C ASN B 55 6.59 -28.99 -7.60
N ARG B 56 5.98 -29.06 -8.78
CA ARG B 56 6.48 -29.85 -9.89
C ARG B 56 7.06 -28.93 -10.95
N VAL B 57 8.23 -29.29 -11.47
CA VAL B 57 8.96 -28.45 -12.42
C VAL B 57 8.16 -28.35 -13.72
N PRO B 58 8.06 -27.17 -14.33
CA PRO B 58 7.44 -27.08 -15.66
C PRO B 58 8.19 -27.92 -16.68
N GLY B 59 7.43 -28.60 -17.53
CA GLY B 59 8.00 -29.53 -18.49
C GLY B 59 8.09 -30.96 -18.00
N VAL B 60 7.92 -31.19 -16.71
CA VAL B 60 7.86 -32.55 -16.16
C VAL B 60 6.47 -33.10 -16.48
N PRO B 61 6.34 -34.36 -16.87
CA PRO B 61 5.01 -34.93 -17.11
C PRO B 61 4.15 -34.92 -15.86
N ALA B 62 2.85 -34.79 -16.06
CA ALA B 62 1.91 -34.59 -14.96
C ALA B 62 1.72 -35.84 -14.10
N ARG B 63 2.22 -37.00 -14.53
CA ARG B 63 2.03 -38.21 -13.73
C ARG B 63 2.91 -38.24 -12.48
N PHE B 64 3.91 -37.37 -12.38
CA PHE B 64 4.78 -37.32 -11.22
C PHE B 64 4.16 -36.40 -10.18
N SER B 65 3.99 -36.89 -8.95
CA SER B 65 3.54 -36.02 -7.87
C SER B 65 4.35 -36.31 -6.63
N GLY B 66 4.46 -35.29 -5.77
CA GLY B 66 5.15 -35.43 -4.50
C GLY B 66 4.20 -35.15 -3.35
N SER B 67 4.38 -35.87 -2.25
CA SER B 67 3.48 -35.74 -1.11
C SER B 67 4.22 -36.17 0.15
N LEU B 68 3.53 -35.99 1.27
CA LEU B 68 4.01 -36.47 2.57
C LEU B 68 3.07 -37.56 3.05
N ILE B 69 3.60 -38.77 3.22
CA ILE B 69 2.82 -39.90 3.71
C ILE B 69 3.42 -40.33 5.04
N GLY B 70 2.60 -40.32 6.09
CA GLY B 70 3.07 -40.71 7.40
C GLY B 70 4.16 -39.78 7.88
N ASP B 71 5.32 -40.36 8.17
CA ASP B 71 6.49 -39.61 8.60
C ASP B 71 7.54 -39.49 7.52
N LYS B 72 7.17 -39.72 6.25
CA LYS B 72 8.18 -39.77 5.19
C LYS B 72 7.64 -39.13 3.92
N ALA B 73 8.56 -38.59 3.12
CA ALA B 73 8.18 -38.02 1.83
C ALA B 73 7.95 -39.13 0.82
N ALA B 74 7.19 -38.82 -0.23
CA ALA B 74 6.83 -39.83 -1.20
C ALA B 74 6.68 -39.24 -2.59
N LEU B 75 7.14 -39.99 -3.58
CA LEU B 75 6.94 -39.70 -4.99
C LEU B 75 5.99 -40.74 -5.57
N THR B 76 4.87 -40.27 -6.12
CA THR B 76 3.88 -41.16 -6.71
C THR B 76 3.87 -40.95 -8.21
N ILE B 77 4.05 -42.05 -8.94
CA ILE B 77 3.98 -42.07 -10.40
C ILE B 77 2.73 -42.85 -10.77
N THR B 78 1.78 -42.19 -11.42
CA THR B 78 0.50 -42.78 -11.78
C THR B 78 0.51 -43.06 -13.28
N GLY B 79 0.32 -44.33 -13.64
CA GLY B 79 0.45 -44.72 -15.02
C GLY B 79 1.87 -44.59 -15.50
N ALA B 80 2.78 -45.33 -14.87
CA ALA B 80 4.20 -45.25 -15.20
C ALA B 80 4.45 -45.75 -16.62
N GLN B 81 5.25 -45.01 -17.36
CA GLN B 81 5.59 -45.37 -18.73
C GLN B 81 6.85 -46.23 -18.74
N THR B 82 7.19 -46.74 -19.92
CA THR B 82 8.44 -47.46 -20.09
C THR B 82 9.64 -46.54 -20.09
N GLU B 83 9.45 -45.25 -20.39
CA GLU B 83 10.52 -44.28 -20.36
C GLU B 83 10.85 -43.78 -18.96
N ASP B 84 10.05 -44.14 -17.97
CA ASP B 84 10.30 -43.71 -16.59
C ASP B 84 11.32 -44.58 -15.88
N GLU B 85 11.84 -45.63 -16.51
CA GLU B 85 12.90 -46.44 -15.95
C GLU B 85 14.15 -45.59 -15.72
N ALA B 86 14.51 -45.36 -14.46
CA ALA B 86 15.56 -44.42 -14.12
C ALA B 86 15.99 -44.68 -12.69
N ILE B 87 16.79 -43.78 -12.13
CA ILE B 87 17.16 -43.83 -10.72
C ILE B 87 16.69 -42.53 -10.09
N TYR B 88 15.89 -42.62 -9.04
CA TYR B 88 15.28 -41.45 -8.44
C TYR B 88 15.94 -41.15 -7.09
N PHE B 89 16.34 -39.90 -6.91
CA PHE B 89 17.00 -39.44 -5.70
C PHE B 89 16.12 -38.44 -4.98
N CYS B 90 16.17 -38.48 -3.66
CA CYS B 90 15.46 -37.54 -2.81
C CYS B 90 16.45 -36.75 -1.98
N ALA B 91 16.30 -35.43 -1.99
CA ALA B 91 17.15 -34.52 -1.24
C ALA B 91 16.31 -33.84 -0.18
N LEU B 92 16.79 -33.86 1.06
CA LEU B 92 16.11 -33.24 2.18
C LEU B 92 16.97 -32.09 2.69
N TRP B 93 16.33 -30.96 2.95
CA TRP B 93 17.00 -29.74 3.42
C TRP B 93 17.02 -29.75 4.93
N TYR B 94 18.20 -29.85 5.50
CA TYR B 94 18.38 -29.67 6.92
C TYR B 94 18.73 -28.20 7.17
N SER B 95 19.28 -27.87 8.34
CA SER B 95 19.47 -26.47 8.71
C SER B 95 20.37 -25.74 7.71
N ASN B 96 21.45 -26.38 7.26
CA ASN B 96 22.39 -25.67 6.40
C ASN B 96 22.93 -26.52 5.25
N HIS B 97 22.33 -27.66 4.93
CA HIS B 97 22.87 -28.51 3.88
C HIS B 97 21.77 -29.38 3.31
N TRP B 98 22.05 -29.95 2.14
CA TRP B 98 21.16 -30.90 1.48
C TRP B 98 21.73 -32.29 1.67
N VAL B 99 20.87 -33.25 2.01
CA VAL B 99 21.26 -34.65 2.10
C VAL B 99 20.47 -35.43 1.06
N PHE B 100 21.18 -36.20 0.24
CA PHE B 100 20.58 -36.96 -0.84
C PHE B 100 20.34 -38.40 -0.41
N GLY B 101 19.30 -39.00 -0.98
CA GLY B 101 19.00 -40.39 -0.71
C GLY B 101 19.90 -41.32 -1.48
N GLY B 102 19.76 -42.62 -1.21
CA GLY B 102 20.54 -43.61 -1.91
C GLY B 102 20.23 -43.72 -3.38
N GLY B 103 18.97 -43.53 -3.75
CA GLY B 103 18.54 -43.66 -5.13
C GLY B 103 17.82 -44.96 -5.38
N THR B 104 16.57 -44.88 -5.84
CA THR B 104 15.79 -46.07 -6.17
C THR B 104 15.95 -46.35 -7.65
N LYS B 105 16.42 -47.54 -7.98
CA LYS B 105 16.58 -47.96 -9.37
C LYS B 105 15.24 -48.49 -9.87
N LEU B 106 14.37 -47.56 -10.25
CA LEU B 106 13.04 -47.95 -10.73
C LEU B 106 13.14 -48.49 -12.15
N THR B 107 12.60 -49.68 -12.36
CA THR B 107 12.61 -50.33 -13.65
C THR B 107 11.19 -50.65 -14.08
N VAL B 108 10.92 -50.47 -15.36
CA VAL B 108 9.61 -50.73 -15.95
C VAL B 108 9.81 -51.80 -17.02
N LEU B 109 9.05 -52.89 -16.92
CA LEU B 109 9.21 -54.01 -17.84
C LEU B 109 8.72 -53.64 -19.23
N GLY B 110 9.38 -54.19 -20.24
CA GLY B 110 9.04 -53.93 -21.63
C GLY B 110 9.35 -55.10 -22.54
N GLN C 1 15.15 -22.42 -22.91
CA GLN C 1 16.29 -23.12 -23.47
C GLN C 1 17.50 -22.92 -22.56
N VAL C 2 17.38 -23.42 -21.34
CA VAL C 2 18.46 -23.30 -20.36
C VAL C 2 19.42 -24.47 -20.53
N GLN C 3 20.71 -24.15 -20.69
CA GLN C 3 21.72 -25.17 -20.86
C GLN C 3 22.93 -24.88 -19.99
N LEU C 4 23.42 -25.91 -19.30
CA LEU C 4 24.64 -25.83 -18.51
C LEU C 4 25.63 -26.81 -19.11
N GLN C 5 26.74 -26.29 -19.64
CA GLN C 5 27.71 -27.11 -20.35
C GLN C 5 29.02 -27.10 -19.58
N GLN C 6 29.56 -28.27 -19.31
CA GLN C 6 30.72 -28.38 -18.45
C GLN C 6 31.95 -28.81 -19.25
N SER C 7 33.09 -28.79 -18.56
CA SER C 7 34.36 -29.16 -19.17
C SER C 7 34.47 -30.68 -19.30
N GLY C 8 35.52 -31.12 -19.99
CA GLY C 8 35.70 -32.52 -20.29
C GLY C 8 36.25 -33.31 -19.12
N ALA C 9 36.42 -34.61 -19.36
CA ALA C 9 36.99 -35.51 -18.37
C ALA C 9 38.41 -35.10 -18.04
N GLU C 10 38.76 -35.15 -16.76
CA GLU C 10 40.05 -34.67 -16.30
C GLU C 10 40.73 -35.69 -15.40
N LEU C 11 42.05 -35.80 -15.54
CA LEU C 11 42.87 -36.67 -14.72
C LEU C 11 43.89 -35.80 -13.99
N ALA C 12 44.00 -35.97 -12.69
CA ALA C 12 44.91 -35.20 -11.87
C ALA C 12 45.65 -36.11 -10.90
N ARG C 13 46.87 -35.72 -10.56
CA ARG C 13 47.66 -36.51 -9.63
C ARG C 13 47.25 -36.21 -8.20
N PRO C 14 47.42 -37.16 -7.28
CA PRO C 14 47.08 -36.91 -5.87
C PRO C 14 47.94 -35.79 -5.28
N GLY C 15 47.30 -34.98 -4.42
CA GLY C 15 47.96 -33.85 -3.82
C GLY C 15 47.96 -32.59 -4.67
N ALA C 16 47.41 -32.63 -5.88
CA ALA C 16 47.39 -31.48 -6.78
C ALA C 16 46.10 -30.70 -6.58
N SER C 17 45.84 -29.76 -7.50
CA SER C 17 44.61 -28.97 -7.50
C SER C 17 44.04 -28.95 -8.90
N VAL C 18 42.72 -28.71 -8.99
CA VAL C 18 42.01 -28.80 -10.24
C VAL C 18 40.87 -27.79 -10.23
N LYS C 19 40.53 -27.26 -11.40
CA LYS C 19 39.44 -26.30 -11.55
C LYS C 19 38.44 -26.84 -12.56
N LEU C 20 37.16 -26.78 -12.21
CA LEU C 20 36.08 -27.32 -13.02
C LEU C 20 35.13 -26.19 -13.37
N SER C 21 34.67 -26.16 -14.62
CA SER C 21 33.88 -25.06 -15.14
C SER C 21 32.48 -25.54 -15.52
N CYS C 22 31.54 -24.61 -15.47
CA CYS C 22 30.15 -24.88 -15.86
C CYS C 22 29.59 -23.60 -16.45
N LYS C 23 29.45 -23.56 -17.77
CA LYS C 23 28.98 -22.37 -18.47
C LYS C 23 27.47 -22.45 -18.61
N ALA C 24 26.78 -21.45 -18.09
CA ALA C 24 25.33 -21.41 -18.10
C ALA C 24 24.84 -20.44 -19.17
N THR C 25 23.88 -20.90 -19.97
CA THR C 25 23.32 -20.09 -21.04
C THR C 25 21.81 -20.30 -21.08
N GLY C 26 21.11 -19.33 -21.66
CA GLY C 26 19.67 -19.40 -21.77
C GLY C 26 18.91 -18.74 -20.64
N TYR C 27 19.59 -18.16 -19.66
CA TYR C 27 18.91 -17.47 -18.57
C TYR C 27 19.87 -16.44 -17.98
N SER C 28 19.34 -15.63 -17.06
CA SER C 28 20.15 -14.62 -16.39
C SER C 28 21.05 -15.31 -15.37
N PHE C 29 22.35 -15.35 -15.68
CA PHE C 29 23.31 -16.06 -14.83
C PHE C 29 23.41 -15.44 -13.45
N THR C 30 23.47 -14.12 -13.37
CA THR C 30 23.79 -13.46 -12.11
C THR C 30 22.64 -13.45 -11.13
N SER C 31 21.42 -13.71 -11.58
CA SER C 31 20.25 -13.68 -10.70
C SER C 31 19.84 -15.06 -10.20
N TYR C 32 20.63 -16.09 -10.47
CA TYR C 32 20.28 -17.45 -10.08
C TYR C 32 21.43 -18.08 -9.33
N TRP C 33 21.10 -19.04 -8.48
CA TRP C 33 22.10 -19.81 -7.74
C TRP C 33 22.55 -21.01 -8.54
N MET C 34 23.77 -21.47 -8.27
CA MET C 34 24.35 -22.63 -8.92
C MET C 34 24.74 -23.63 -7.85
N GLN C 35 24.21 -24.84 -7.97
CA GLN C 35 24.45 -25.95 -7.06
C GLN C 35 25.59 -26.78 -7.62
N TRP C 36 26.48 -27.22 -6.75
CA TRP C 36 27.54 -28.15 -7.14
C TRP C 36 27.38 -29.41 -6.31
N VAL C 37 27.32 -30.55 -7.02
CA VAL C 37 26.94 -31.85 -6.46
C VAL C 37 27.98 -32.88 -6.91
N LYS C 38 28.33 -33.80 -6.02
CA LYS C 38 29.31 -34.84 -6.29
C LYS C 38 28.64 -36.22 -6.31
N GLN C 39 29.02 -37.05 -7.27
CA GLN C 39 28.52 -38.42 -7.38
C GLN C 39 29.66 -39.40 -7.43
N ARG C 40 29.61 -40.41 -6.56
CA ARG C 40 30.51 -41.55 -6.55
C ARG C 40 29.70 -42.84 -6.66
N PRO C 41 30.24 -43.88 -7.30
CA PRO C 41 29.46 -45.12 -7.49
C PRO C 41 29.32 -45.89 -6.18
N GLY C 42 28.08 -46.13 -5.77
CA GLY C 42 27.79 -46.82 -4.54
C GLY C 42 27.72 -45.95 -3.30
N GLN C 43 27.99 -44.65 -3.42
CA GLN C 43 27.90 -43.73 -2.30
C GLN C 43 26.83 -42.67 -2.52
N GLY C 44 25.89 -42.91 -3.42
CA GLY C 44 24.83 -41.96 -3.68
C GLY C 44 25.38 -40.68 -4.28
N MET C 45 24.85 -39.55 -3.81
CA MET C 45 25.34 -38.24 -4.19
C MET C 45 25.53 -37.36 -2.96
N GLU C 46 26.50 -36.47 -3.05
CA GLU C 46 26.81 -35.53 -1.99
C GLU C 46 26.71 -34.11 -2.53
N TRP C 47 26.06 -33.23 -1.78
CA TRP C 47 25.87 -31.85 -2.18
C TRP C 47 27.09 -31.06 -1.74
N ILE C 48 27.87 -30.55 -2.69
CA ILE C 48 29.08 -29.83 -2.34
C ILE C 48 28.75 -28.42 -1.86
N GLY C 49 27.96 -27.69 -2.62
CA GLY C 49 27.66 -26.33 -2.19
C GLY C 49 26.84 -25.58 -3.21
N ALA C 50 26.76 -24.27 -3.01
CA ALA C 50 26.03 -23.40 -3.92
C ALA C 50 26.70 -22.05 -3.96
N ILE C 51 26.54 -21.35 -5.08
CA ILE C 51 27.09 -20.00 -5.25
C ILE C 51 26.07 -19.11 -5.95
N TYR C 52 25.97 -17.88 -5.48
CA TYR C 52 25.16 -16.84 -6.11
C TYR C 52 26.11 -15.87 -6.78
N PRO C 53 26.20 -15.87 -8.11
CA PRO C 53 27.21 -15.04 -8.79
C PRO C 53 26.93 -13.55 -8.75
N GLY C 54 25.70 -13.14 -8.46
CA GLY C 54 25.41 -11.71 -8.38
C GLY C 54 26.18 -11.02 -7.27
N ASP C 55 26.20 -11.63 -6.09
CA ASP C 55 27.01 -11.15 -4.98
C ASP C 55 28.20 -12.03 -4.68
N VAL C 56 28.31 -13.19 -5.34
CA VAL C 56 29.33 -14.21 -5.11
C VAL C 56 29.13 -14.65 -3.66
N THR C 57 27.87 -14.90 -3.29
CA THR C 57 27.57 -15.50 -2.01
C THR C 57 27.74 -17.01 -2.12
N SER C 58 28.12 -17.66 -1.02
CA SER C 58 28.41 -19.09 -1.08
C SER C 58 27.79 -19.84 0.09
N ARG C 59 27.47 -21.10 -0.17
CA ARG C 59 27.01 -22.06 0.82
C ARG C 59 27.86 -23.31 0.65
N TYR C 60 28.32 -23.92 1.72
CA TYR C 60 29.08 -25.15 1.58
C TYR C 60 28.73 -26.09 2.69
N THR C 61 29.15 -27.33 2.56
CA THR C 61 28.97 -28.31 3.61
C THR C 61 30.28 -28.27 4.42
N GLN C 62 30.24 -28.66 5.69
CA GLN C 62 31.44 -28.54 6.52
C GLN C 62 32.58 -29.38 5.97
N LYS C 63 32.25 -30.52 5.35
CA LYS C 63 33.29 -31.39 4.80
C LYS C 63 34.00 -30.74 3.61
N PHE C 64 33.24 -30.04 2.76
CA PHE C 64 33.79 -29.42 1.56
C PHE C 64 34.12 -27.95 1.75
N LYS C 65 34.15 -27.47 2.98
CA LYS C 65 34.42 -26.04 3.22
C LYS C 65 35.82 -25.66 2.77
N GLY C 66 36.84 -26.40 3.24
CA GLY C 66 38.19 -26.15 2.78
C GLY C 66 38.52 -26.84 1.48
N LYS C 67 37.83 -27.94 1.17
CA LYS C 67 38.21 -28.77 0.03
C LYS C 67 37.82 -28.10 -1.29
N ALA C 68 36.64 -27.51 -1.35
CA ALA C 68 36.12 -26.92 -2.58
C ALA C 68 35.99 -25.41 -2.43
N THR C 69 36.34 -24.69 -3.50
CA THR C 69 36.23 -23.24 -3.54
C THR C 69 35.36 -22.86 -4.74
N LEU C 70 34.27 -22.17 -4.48
CA LEU C 70 33.29 -21.83 -5.51
C LEU C 70 33.52 -20.39 -5.94
N THR C 71 33.74 -20.18 -7.23
CA THR C 71 33.92 -18.85 -7.78
C THR C 71 33.00 -18.67 -8.99
N ALA C 72 32.90 -17.45 -9.46
CA ALA C 72 32.07 -17.13 -10.61
C ALA C 72 32.80 -16.15 -11.53
N ASP C 73 32.48 -16.22 -12.81
CA ASP C 73 32.97 -15.30 -13.82
C ASP C 73 31.72 -14.84 -14.57
N LYS C 74 31.13 -13.74 -14.10
CA LYS C 74 29.86 -13.29 -14.64
C LYS C 74 30.00 -12.62 -16.01
N SER C 75 31.22 -12.22 -16.39
CA SER C 75 31.43 -11.66 -17.72
C SER C 75 31.21 -12.71 -18.80
N SER C 76 31.72 -13.92 -18.58
CA SER C 76 31.54 -15.03 -19.51
C SER C 76 30.41 -15.97 -19.10
N SER C 77 29.70 -15.64 -18.02
CA SER C 77 28.58 -16.45 -17.51
C SER C 77 29.01 -17.88 -17.21
N THR C 78 30.05 -18.02 -16.39
CA THR C 78 30.58 -19.33 -16.04
C THR C 78 30.71 -19.43 -14.52
N ALA C 79 30.47 -20.61 -13.97
CA ALA C 79 30.72 -20.89 -12.57
C ALA C 79 31.87 -21.88 -12.46
N PHE C 80 32.72 -21.70 -11.46
CA PHE C 80 33.90 -22.54 -11.29
C PHE C 80 33.90 -23.16 -9.90
N MET C 81 34.41 -24.38 -9.81
CA MET C 81 34.64 -25.06 -8.55
C MET C 81 36.06 -25.60 -8.55
N GLN C 82 36.86 -25.21 -7.56
CA GLN C 82 38.24 -25.65 -7.47
C GLN C 82 38.49 -26.58 -6.29
N LEU C 83 39.03 -27.76 -6.60
CA LEU C 83 39.36 -28.76 -5.59
C LEU C 83 40.86 -28.75 -5.35
N ARG C 84 41.25 -28.74 -4.08
CA ARG C 84 42.64 -28.69 -3.68
C ARG C 84 42.98 -29.89 -2.82
N SER C 85 44.27 -30.27 -2.85
CA SER C 85 44.79 -31.41 -2.09
C SER C 85 44.03 -32.69 -2.42
N LEU C 86 44.12 -33.09 -3.69
CA LEU C 86 43.33 -34.20 -4.20
C LEU C 86 43.81 -35.53 -3.62
N ALA C 87 42.85 -36.43 -3.40
CA ALA C 87 43.10 -37.76 -2.85
C ALA C 87 42.32 -38.78 -3.67
N SER C 88 42.41 -40.05 -3.23
CA SER C 88 41.74 -41.13 -3.95
C SER C 88 40.22 -41.02 -3.88
N GLU C 89 39.70 -40.48 -2.77
CA GLU C 89 38.26 -40.33 -2.60
C GLU C 89 37.66 -39.35 -3.61
N ASP C 90 38.49 -38.45 -4.17
CA ASP C 90 38.00 -37.36 -5.01
C ASP C 90 37.63 -37.79 -6.43
N SER C 91 38.00 -39.00 -6.85
CA SER C 91 37.64 -39.49 -8.17
C SER C 91 36.13 -39.67 -8.24
N ALA C 92 35.45 -38.81 -8.98
CA ALA C 92 33.99 -38.75 -8.93
C ALA C 92 33.49 -38.06 -10.19
N VAL C 93 32.18 -37.78 -10.21
CA VAL C 93 31.54 -37.04 -11.30
C VAL C 93 30.85 -35.84 -10.67
N TYR C 94 31.13 -34.65 -11.17
CA TYR C 94 30.66 -33.42 -10.56
C TYR C 94 29.65 -32.75 -11.47
N TYR C 95 28.58 -32.23 -10.87
CA TYR C 95 27.45 -31.67 -11.59
C TYR C 95 27.15 -30.27 -11.06
N CYS C 96 26.64 -29.43 -11.95
CA CYS C 96 26.12 -28.12 -11.60
C CYS C 96 24.63 -28.10 -11.91
N ALA C 97 23.87 -27.44 -11.03
CA ALA C 97 22.42 -27.42 -11.15
C ALA C 97 21.89 -26.01 -10.92
N ARG C 98 20.94 -25.58 -11.74
CA ARG C 98 20.35 -24.27 -11.53
C ARG C 98 19.39 -24.30 -10.35
N TRP C 99 19.41 -23.24 -9.53
CA TRP C 99 18.44 -23.03 -8.47
C TRP C 99 17.97 -21.59 -8.53
N SER C 100 16.66 -21.39 -8.37
CA SER C 100 16.10 -20.05 -8.45
C SER C 100 16.31 -19.23 -7.18
N GLY C 101 16.71 -19.86 -6.09
CA GLY C 101 16.85 -19.17 -4.82
C GLY C 101 15.71 -19.37 -3.86
N TYR C 102 14.65 -20.05 -4.26
CA TYR C 102 13.48 -20.29 -3.43
C TYR C 102 13.37 -21.79 -3.15
N TYR C 103 13.06 -22.13 -1.91
CA TYR C 103 13.04 -23.53 -1.50
C TYR C 103 11.77 -24.25 -1.91
N GLY C 104 10.67 -23.51 -2.11
CA GLY C 104 9.45 -24.14 -2.61
C GLY C 104 9.60 -24.70 -4.01
N SER C 105 10.37 -24.01 -4.85
CA SER C 105 10.68 -24.51 -6.17
C SER C 105 11.79 -25.55 -6.09
N SER C 106 12.03 -26.25 -7.20
CA SER C 106 13.09 -27.23 -7.24
C SER C 106 14.45 -26.56 -7.13
N SER C 107 15.32 -27.15 -6.30
CA SER C 107 16.65 -26.62 -6.08
C SER C 107 17.67 -27.13 -7.09
N PHE C 108 17.28 -28.07 -7.94
CA PHE C 108 18.19 -28.71 -8.89
C PHE C 108 17.54 -28.79 -10.26
N ASP C 109 17.05 -27.64 -10.74
CA ASP C 109 16.23 -27.52 -11.94
C ASP C 109 16.87 -28.13 -13.19
N TYR C 110 17.96 -27.54 -13.65
CA TYR C 110 18.65 -27.99 -14.85
C TYR C 110 20.07 -28.39 -14.47
N TRP C 111 20.46 -29.59 -14.86
CA TRP C 111 21.77 -30.12 -14.51
C TRP C 111 22.72 -30.05 -15.70
N GLY C 112 24.00 -30.00 -15.39
CA GLY C 112 25.01 -30.15 -16.42
C GLY C 112 25.22 -31.61 -16.77
N GLN C 113 25.95 -31.84 -17.85
CA GLN C 113 26.18 -33.21 -18.31
C GLN C 113 27.13 -33.98 -17.41
N GLY C 114 27.83 -33.29 -16.50
CA GLY C 114 28.69 -33.96 -15.55
C GLY C 114 30.12 -34.06 -16.02
N THR C 115 31.07 -33.75 -15.13
CA THR C 115 32.48 -33.80 -15.44
C THR C 115 33.14 -34.82 -14.53
N THR C 116 33.77 -35.83 -15.13
CA THR C 116 34.39 -36.87 -14.33
C THR C 116 35.87 -36.56 -14.10
N LEU C 117 36.27 -36.62 -12.82
CA LEU C 117 37.63 -36.35 -12.40
C LEU C 117 38.22 -37.63 -11.81
N THR C 118 39.38 -38.02 -12.33
CA THR C 118 40.09 -39.21 -11.89
C THR C 118 41.39 -38.81 -11.22
N VAL C 119 41.58 -39.24 -9.99
CA VAL C 119 42.77 -38.92 -9.21
C VAL C 119 43.52 -40.22 -8.99
N SER C 120 44.55 -40.45 -9.82
CA SER C 120 45.34 -41.68 -9.72
C SER C 120 46.69 -41.43 -10.36
N SER C 121 47.65 -42.29 -10.03
CA SER C 121 49.00 -42.19 -10.56
C SER C 121 49.40 -43.48 -11.27
#